data_4KQN
#
_entry.id   4KQN
#
_cell.length_a   90.877
_cell.length_b   185.239
_cell.length_c   113.447
_cell.angle_alpha   90.00
_cell.angle_beta   90.00
_cell.angle_gamma   90.00
#
_symmetry.space_group_name_H-M   'C 2 2 21'
#
loop_
_entity.id
_entity.type
_entity.pdbx_description
1 polymer D-hydantoinase
2 non-polymer 'MANGANESE (II) ION'
3 water water
#
_entity_poly.entity_id   1
_entity_poly.type   'polypeptide(L)'
_entity_poly.pdbx_seq_one_letter_code
;KKWIRGGTVVTAADTYQADVLIEGERVVAIGHQLAAAGAEEIDATGCYVIPGGIDPHTHLDMPFGGTVTADDFFTGTRAA
AFGGTTSIVDFCLTKKGESLKSAIATWHEKARGKAVIDYGFHLMIAEANDQVLEELESVISSEGITSLKVFMAYKNVFQA
DDETLFKTLVKAKELGALVQVHAENGDVLDYLTKKALAEGNTDPIYHAYTRPPEAEGEATGRAIALTALAGSQLYVVHVS
CASAVQRIAEAREKGWNVYGETCPQYLALDVSIMDQPDFEGAKYVWSPPLREKWNQEVLWSALKNGILQTVGSDHCPFNF
RGQKELGRGDFTKIPNGGPLIEDRLTILYSEGVRQGRISLNQFVDISSTKAAKLFGMFPRKGTIAVGSDADIVIFDPHVK
RTLSVETHHMNVDYNPFEGMEVYGEVVSVLSRGSFVVRDKQFVGQAGSGQYIKRTTFEQA
;
_entity_poly.pdbx_strand_id   A,B
#
loop_
_chem_comp.id
_chem_comp.type
_chem_comp.name
_chem_comp.formula
MN non-polymer 'MANGANESE (II) ION' 'Mn 2'
#
# COMPACT_ATOMS: atom_id res chain seq x y z
N LYS A 1 -7.88 10.16 52.87
CA LYS A 1 -7.38 11.55 52.56
C LYS A 1 -5.88 11.70 52.63
N LYS A 2 -5.32 12.12 51.49
CA LYS A 2 -3.90 12.38 51.31
C LYS A 2 -3.71 13.79 50.78
N TRP A 3 -2.52 14.33 51.02
CA TRP A 3 -2.23 15.72 50.77
C TRP A 3 -0.80 15.92 50.26
N ILE A 4 -0.72 16.12 48.95
CA ILE A 4 0.53 16.42 48.34
C ILE A 4 0.66 17.90 48.34
N ARG A 5 1.72 18.36 48.98
CA ARG A 5 2.00 19.77 49.03
C ARG A 5 3.42 20.03 48.66
N GLY A 6 3.67 21.23 48.20
CA GLY A 6 5.00 21.67 47.80
C GLY A 6 5.24 21.43 46.34
N GLY A 7 4.31 20.72 45.68
CA GLY A 7 4.55 20.18 44.35
C GLY A 7 4.55 21.27 43.30
N THR A 8 5.30 21.05 42.22
CA THR A 8 4.98 21.72 40.96
C THR A 8 4.31 20.70 40.05
N VAL A 9 3.03 20.93 39.82
CA VAL A 9 2.20 20.06 39.03
C VAL A 9 2.38 20.41 37.58
N VAL A 10 2.41 19.37 36.75
CA VAL A 10 2.59 19.51 35.30
C VAL A 10 1.60 18.58 34.59
N THR A 11 0.84 19.15 33.65
CA THR A 11 -0.15 18.40 32.88
C THR A 11 0.12 18.61 31.41
N ALA A 12 -0.74 18.09 30.55
CA ALA A 12 -0.59 18.29 29.11
C ALA A 12 -0.60 19.78 28.77
N ALA A 13 -1.33 20.56 29.54
CA ALA A 13 -1.50 21.98 29.26
C ALA A 13 -0.85 22.91 30.26
N ASP A 14 -1.08 22.65 31.54
CA ASP A 14 -0.74 23.56 32.65
C ASP A 14 0.57 23.26 33.37
N THR A 15 1.14 24.29 33.96
CA THR A 15 2.33 24.14 34.81
C THR A 15 2.29 25.17 35.91
N TYR A 16 2.07 24.71 37.14
CA TYR A 16 1.84 25.60 38.25
C TYR A 16 2.20 24.90 39.52
N GLN A 17 2.26 25.68 40.59
CA GLN A 17 2.62 25.16 41.90
C GLN A 17 1.42 25.27 42.81
N ALA A 18 1.12 24.17 43.48
CA ALA A 18 -0.06 24.10 44.31
C ALA A 18 -0.12 22.75 44.97
N ASP A 19 -0.96 22.68 45.99
CA ASP A 19 -1.17 21.44 46.67
C ASP A 19 -2.34 20.79 46.03
N VAL A 20 -2.24 19.52 45.78
CA VAL A 20 -3.40 18.79 45.36
C VAL A 20 -3.85 18.06 46.60
N LEU A 21 -5.13 17.70 46.59
CA LEU A 21 -5.80 17.08 47.73
C LEU A 21 -6.63 15.88 47.28
N ILE A 22 -6.18 14.69 47.65
CA ILE A 22 -6.86 13.47 47.28
C ILE A 22 -7.79 13.07 48.41
N GLU A 23 -8.96 12.55 48.06
CA GLU A 23 -9.87 11.95 49.02
C GLU A 23 -10.42 10.68 48.41
N GLY A 24 -10.36 9.59 49.12
CA GLY A 24 -10.84 8.34 48.57
C GLY A 24 -9.96 7.94 47.42
N GLU A 25 -10.55 7.76 46.25
CA GLU A 25 -9.77 7.38 45.06
C GLU A 25 -9.44 8.57 44.11
N ARG A 26 -9.97 9.75 44.40
CA ARG A 26 -10.00 10.81 43.41
C ARG A 26 -9.45 12.09 43.93
N VAL A 27 -8.78 12.83 43.06
CA VAL A 27 -8.49 14.23 43.29
C VAL A 27 -9.79 15.00 43.48
N VAL A 28 -9.76 15.95 44.41
CA VAL A 28 -10.96 16.52 44.97
C VAL A 28 -10.83 18.04 45.03
N ALA A 29 -9.61 18.51 45.30
CA ALA A 29 -9.33 19.94 45.21
C ALA A 29 -7.85 20.26 45.02
N ILE A 30 -7.61 21.44 44.46
CA ILE A 30 -6.29 21.88 44.11
C ILE A 30 -6.17 23.35 44.46
N GLY A 31 -5.01 23.73 45.01
CA GLY A 31 -4.75 25.12 45.30
C GLY A 31 -3.96 25.40 46.56
N HIS A 32 -4.15 26.61 47.12
CA HIS A 32 -3.60 27.02 48.40
C HIS A 32 -4.67 26.98 49.46
N GLN A 33 -4.29 26.87 50.74
CA GLN A 33 -5.25 26.87 51.85
C GLN A 33 -6.43 25.96 51.64
N LEU A 34 -6.15 24.70 51.33
CA LEU A 34 -7.22 23.74 51.18
C LEU A 34 -7.65 23.31 52.57
N ALA A 35 -8.79 22.59 52.65
CA ALA A 35 -9.38 22.12 53.89
C ALA A 35 -8.96 20.69 54.03
N ALA A 36 -7.84 20.49 54.72
CA ALA A 36 -7.12 19.21 54.74
C ALA A 36 -7.18 18.93 56.24
N ALA A 37 -8.40 18.71 56.77
CA ALA A 37 -8.61 18.30 58.18
C ALA A 37 -8.09 16.89 58.52
N GLY A 38 -6.85 16.82 59.01
CA GLY A 38 -6.24 15.54 59.47
C GLY A 38 -6.15 14.43 58.42
N ALA A 39 -5.17 14.55 57.54
CA ALA A 39 -5.02 13.75 56.30
C ALA A 39 -3.55 13.56 56.05
N GLU A 40 -3.19 12.48 55.38
CA GLU A 40 -1.80 12.08 55.33
C GLU A 40 -1.02 13.04 54.48
N GLU A 41 -0.07 13.71 55.11
CA GLU A 41 0.79 14.61 54.39
C GLU A 41 1.74 13.79 53.55
N ILE A 42 2.14 14.33 52.41
CA ILE A 42 3.21 13.75 51.60
C ILE A 42 3.93 14.93 50.93
N ASP A 43 5.22 15.09 51.27
CA ASP A 43 5.98 16.25 50.89
C ASP A 43 6.44 16.04 49.45
N ALA A 44 6.21 17.06 48.61
CA ALA A 44 6.67 17.02 47.23
C ALA A 44 7.39 18.28 46.78
N THR A 45 7.97 19.01 47.75
CA THR A 45 8.74 20.22 47.47
C THR A 45 9.88 19.84 46.57
N GLY A 46 10.04 20.61 45.50
CA GLY A 46 11.15 20.40 44.55
C GLY A 46 11.04 19.25 43.54
N CYS A 47 9.97 18.48 43.65
CA CYS A 47 9.68 17.41 42.72
C CYS A 47 8.56 17.90 41.75
N TYR A 48 8.44 17.24 40.61
CA TYR A 48 7.33 17.46 39.72
C TYR A 48 6.24 16.52 40.12
N VAL A 49 5.00 16.98 40.03
CA VAL A 49 3.85 16.14 40.32
C VAL A 49 3.12 15.92 39.02
N ILE A 50 3.01 14.68 38.58
CA ILE A 50 2.45 14.46 37.25
C ILE A 50 1.47 13.33 37.20
N PRO A 51 0.61 13.33 36.18
CA PRO A 51 -0.30 12.22 36.11
C PRO A 51 0.47 10.95 35.81
N GLY A 52 -0.10 9.83 36.21
CA GLY A 52 0.46 8.53 35.91
C GLY A 52 0.64 8.27 34.44
N GLY A 53 1.76 7.62 34.09
CA GLY A 53 1.97 7.20 32.73
C GLY A 53 0.84 6.27 32.32
N ILE A 54 0.53 6.25 31.04
CA ILE A 54 -0.32 5.23 30.49
C ILE A 54 0.46 4.62 29.37
N ASP A 55 0.51 3.30 29.37
CA ASP A 55 1.31 2.58 28.43
C ASP A 55 0.34 1.75 27.67
N PRO A 56 0.07 2.17 26.45
CA PRO A 56 -0.98 1.55 25.70
C PRO A 56 -0.53 0.32 24.89
N HIS A 57 0.66 -0.18 25.13
CA HIS A 57 1.18 -1.28 24.34
C HIS A 57 1.99 -2.27 25.20
N THR A 58 1.31 -3.33 25.63
CA THR A 58 1.86 -4.30 26.54
C THR A 58 1.49 -5.69 26.08
N HIS A 59 2.36 -6.65 26.37
CA HIS A 59 2.02 -8.05 26.23
C HIS A 59 2.57 -8.75 27.43
N LEU A 60 1.83 -8.67 28.53
CA LEU A 60 2.25 -9.37 29.75
C LEU A 60 1.66 -10.77 29.67
N ASP A 61 2.50 -11.78 29.93
CA ASP A 61 2.06 -13.18 29.95
C ASP A 61 1.46 -13.54 28.60
N MET A 62 2.30 -13.52 27.57
CA MET A 62 1.86 -13.85 26.20
C MET A 62 2.61 -15.07 25.71
N PRO A 63 1.94 -15.93 24.95
CA PRO A 63 2.71 -16.95 24.23
C PRO A 63 3.22 -16.49 22.84
N PHE A 64 4.50 -16.74 22.59
CA PHE A 64 5.16 -16.31 21.36
C PHE A 64 6.44 -17.15 21.30
N GLY A 65 6.65 -17.84 20.18
CA GLY A 65 7.40 -19.10 20.20
C GLY A 65 6.53 -20.06 21.01
N GLY A 66 7.06 -21.26 21.31
CA GLY A 66 6.38 -22.22 22.19
C GLY A 66 6.44 -21.80 23.66
N THR A 67 7.12 -20.68 23.89
CA THR A 67 7.39 -20.14 25.23
C THR A 67 6.52 -18.88 25.49
N VAL A 68 6.57 -18.41 26.74
CA VAL A 68 5.73 -17.29 27.21
C VAL A 68 6.59 -16.13 27.70
N THR A 69 6.04 -14.93 27.73
CA THR A 69 6.85 -13.79 28.05
C THR A 69 7.19 -13.80 29.52
N ALA A 70 8.44 -13.40 29.82
CA ALA A 70 9.07 -13.42 31.17
C ALA A 70 8.23 -12.81 32.29
N ASP A 71 7.87 -11.54 32.13
CA ASP A 71 6.97 -10.89 33.08
C ASP A 71 5.56 -11.44 32.96
N ASP A 72 4.88 -11.55 34.10
CA ASP A 72 3.44 -11.79 34.16
C ASP A 72 2.76 -10.47 34.51
N PHE A 73 1.45 -10.53 34.72
CA PHE A 73 0.70 -9.34 35.08
C PHE A 73 1.14 -8.73 36.39
N PHE A 74 1.80 -9.51 37.26
CA PHE A 74 2.29 -8.95 38.54
C PHE A 74 3.69 -8.32 38.39
N THR A 75 4.67 -9.11 37.99
CA THR A 75 6.00 -8.56 37.78
C THR A 75 5.94 -7.37 36.80
N GLY A 76 5.16 -7.51 35.72
CA GLY A 76 5.00 -6.45 34.74
C GLY A 76 4.55 -5.14 35.35
N THR A 77 3.31 -5.10 35.83
CA THR A 77 2.71 -3.89 36.39
C THR A 77 3.45 -3.24 37.53
N ARG A 78 4.17 -4.06 38.31
CA ARG A 78 5.04 -3.56 39.34
C ARG A 78 6.11 -2.71 38.68
N ALA A 79 6.80 -3.32 37.70
CA ALA A 79 7.87 -2.64 37.01
C ALA A 79 7.37 -1.32 36.35
N ALA A 80 6.15 -1.37 35.81
CA ALA A 80 5.53 -0.20 35.21
C ALA A 80 5.42 0.89 36.25
N ALA A 81 4.81 0.54 37.38
CA ALA A 81 4.74 1.44 38.53
C ALA A 81 6.12 1.97 38.93
N PHE A 82 7.09 1.09 39.10
CA PHE A 82 8.43 1.58 39.49
C PHE A 82 8.98 2.64 38.56
N GLY A 83 8.59 2.56 37.30
CA GLY A 83 9.14 3.42 36.25
C GLY A 83 8.20 4.52 35.78
N GLY A 84 7.14 4.73 36.56
CA GLY A 84 6.28 5.89 36.43
C GLY A 84 4.90 5.64 35.83
N THR A 85 4.56 4.41 35.51
CA THR A 85 3.36 4.13 34.73
C THR A 85 2.28 3.50 35.57
N THR A 86 1.06 4.01 35.47
CA THR A 86 -0.04 3.67 36.38
C THR A 86 -1.20 2.90 35.75
N SER A 87 -1.22 2.79 34.42
CA SER A 87 -2.31 2.14 33.70
C SER A 87 -1.70 1.63 32.43
N ILE A 88 -1.99 0.38 32.09
CA ILE A 88 -1.53 -0.21 30.83
C ILE A 88 -2.74 -0.64 30.07
N VAL A 89 -2.52 -0.98 28.81
CA VAL A 89 -3.57 -1.53 27.98
C VAL A 89 -2.94 -2.65 27.19
N ASP A 90 -3.33 -3.90 27.51
CA ASP A 90 -2.65 -5.11 27.01
C ASP A 90 -3.43 -5.74 25.87
N PHE A 91 -2.73 -6.56 25.09
CA PHE A 91 -3.28 -7.13 23.84
C PHE A 91 -3.83 -8.57 23.97
N CYS A 92 -5.16 -8.64 24.02
CA CYS A 92 -5.85 -9.90 24.10
C CYS A 92 -5.92 -10.63 22.74
N LEU A 93 -5.28 -11.78 22.70
CA LEU A 93 -5.06 -12.51 21.46
C LEU A 93 -6.16 -13.52 21.15
N THR A 94 -6.71 -13.42 19.94
CA THR A 94 -7.78 -14.27 19.47
C THR A 94 -7.18 -15.29 18.53
N LYS A 95 -7.91 -16.37 18.31
CA LYS A 95 -7.34 -17.59 17.74
C LYS A 95 -8.45 -18.00 16.76
N LYS A 96 -8.12 -18.00 15.45
CA LYS A 96 -9.07 -18.38 14.35
C LYS A 96 -9.99 -19.57 14.66
N GLY A 97 -11.30 -19.35 14.57
CA GLY A 97 -12.29 -20.30 15.07
C GLY A 97 -12.25 -20.24 16.60
N GLU A 98 -12.94 -19.25 17.16
CA GLU A 98 -12.47 -18.51 18.34
C GLU A 98 -13.61 -17.84 19.10
N SER A 99 -14.18 -18.48 20.10
CA SER A 99 -15.19 -17.74 20.88
C SER A 99 -14.51 -16.42 21.34
N LEU A 100 -14.94 -15.26 20.81
CA LEU A 100 -14.29 -13.97 21.16
C LEU A 100 -14.34 -13.68 22.66
N LYS A 101 -15.39 -14.13 23.34
CA LYS A 101 -15.51 -14.00 24.79
C LYS A 101 -14.55 -14.91 25.52
N SER A 102 -14.34 -16.12 25.02
CA SER A 102 -13.45 -17.06 25.69
C SER A 102 -11.98 -16.62 25.63
N ALA A 103 -11.65 -15.76 24.66
CA ALA A 103 -10.33 -15.16 24.62
C ALA A 103 -10.22 -14.12 25.70
N ILE A 104 -11.16 -13.20 25.70
CA ILE A 104 -11.18 -12.12 26.70
C ILE A 104 -11.16 -12.70 28.12
N ALA A 105 -12.10 -13.60 28.38
CA ALA A 105 -12.17 -14.39 29.61
C ALA A 105 -10.80 -14.84 30.07
N THR A 106 -10.03 -15.39 29.14
CA THR A 106 -8.65 -15.79 29.44
C THR A 106 -7.79 -14.60 29.87
N TRP A 107 -7.82 -13.50 29.12
CA TRP A 107 -6.99 -12.35 29.48
C TRP A 107 -7.36 -11.70 30.83
N HIS A 108 -8.64 -11.71 31.21
CA HIS A 108 -9.03 -11.28 32.56
C HIS A 108 -8.37 -12.14 33.61
N GLU A 109 -8.51 -13.46 33.45
CA GLU A 109 -7.98 -14.39 34.44
C GLU A 109 -6.45 -14.31 34.50
N LYS A 110 -5.81 -13.84 33.43
CA LYS A 110 -4.36 -13.64 33.44
C LYS A 110 -3.94 -12.48 34.36
N ALA A 111 -4.88 -11.60 34.69
CA ALA A 111 -4.58 -10.41 35.46
C ALA A 111 -5.07 -10.52 36.86
N ARG A 112 -6.35 -10.88 36.97
CA ARG A 112 -7.06 -11.01 38.25
C ARG A 112 -6.10 -11.46 39.32
N GLY A 113 -5.93 -10.66 40.36
CA GLY A 113 -5.17 -11.07 41.53
C GLY A 113 -3.67 -10.89 41.40
N LYS A 114 -3.19 -10.75 40.16
CA LYS A 114 -1.81 -10.47 39.99
C LYS A 114 -1.57 -8.96 39.83
N ALA A 115 -2.30 -8.28 38.95
CA ALA A 115 -2.09 -6.83 38.65
C ALA A 115 -2.09 -5.93 39.87
N VAL A 116 -1.19 -4.95 39.92
CA VAL A 116 -1.17 -3.97 41.04
C VAL A 116 -1.70 -2.61 40.66
N ILE A 117 -1.58 -2.27 39.38
CA ILE A 117 -2.11 -1.02 38.81
C ILE A 117 -3.21 -1.38 37.85
N ASP A 118 -3.98 -0.38 37.45
CA ASP A 118 -5.11 -0.60 36.58
C ASP A 118 -4.71 -0.95 35.15
N TYR A 119 -5.60 -1.63 34.44
CA TYR A 119 -5.25 -2.18 33.15
C TYR A 119 -6.48 -2.35 32.33
N GLY A 120 -6.33 -2.23 31.01
CA GLY A 120 -7.41 -2.47 30.06
C GLY A 120 -6.90 -3.39 28.96
N PHE A 121 -7.79 -3.77 28.05
CA PHE A 121 -7.41 -4.64 26.93
C PHE A 121 -7.71 -4.05 25.58
N HIS A 122 -6.82 -4.36 24.65
CA HIS A 122 -7.14 -4.28 23.25
C HIS A 122 -7.58 -5.66 22.84
N LEU A 123 -8.36 -5.73 21.76
CA LEU A 123 -8.75 -7.01 21.20
C LEU A 123 -8.13 -7.24 19.80
N MET A 124 -7.35 -8.32 19.70
CA MET A 124 -6.80 -8.76 18.41
C MET A 124 -7.89 -9.36 17.55
N ILE A 125 -7.73 -9.22 16.25
CA ILE A 125 -8.69 -9.77 15.34
C ILE A 125 -7.96 -10.56 14.32
N ALA A 126 -8.35 -11.83 14.19
CA ALA A 126 -7.62 -12.78 13.34
C ALA A 126 -8.35 -12.97 12.00
N GLU A 127 -9.64 -13.19 12.04
CA GLU A 127 -10.40 -13.19 10.81
C GLU A 127 -11.65 -12.40 11.11
N ALA A 128 -12.25 -11.87 10.07
CA ALA A 128 -13.39 -11.04 10.24
C ALA A 128 -14.54 -11.62 9.44
N ASN A 129 -14.81 -12.90 9.70
CA ASN A 129 -15.99 -13.54 9.14
C ASN A 129 -17.17 -13.25 10.05
N ASP A 130 -18.35 -13.43 9.47
CA ASP A 130 -19.65 -13.01 10.02
C ASP A 130 -19.85 -13.27 11.53
N GLN A 131 -19.39 -14.45 11.95
CA GLN A 131 -19.35 -14.91 13.36
C GLN A 131 -18.69 -13.87 14.24
N VAL A 132 -17.48 -13.47 13.84
CA VAL A 132 -16.70 -12.48 14.59
C VAL A 132 -17.31 -11.08 14.52
N LEU A 133 -17.74 -10.69 13.34
CA LEU A 133 -18.36 -9.37 13.15
C LEU A 133 -19.53 -9.16 14.07
N GLU A 134 -20.15 -10.29 14.46
CA GLU A 134 -21.32 -10.30 15.33
C GLU A 134 -20.94 -10.03 16.78
N GLU A 135 -19.98 -10.82 17.26
CA GLU A 135 -19.55 -10.76 18.64
C GLU A 135 -19.10 -9.35 19.00
N LEU A 136 -18.37 -8.71 18.09
CA LEU A 136 -17.86 -7.34 18.27
C LEU A 136 -18.86 -6.40 18.92
N GLU A 137 -20.12 -6.51 18.53
CA GLU A 137 -21.18 -5.71 19.14
C GLU A 137 -21.22 -5.91 20.64
N SER A 138 -21.31 -7.17 21.04
CA SER A 138 -21.40 -7.51 22.44
C SER A 138 -20.22 -6.93 23.22
N VAL A 139 -19.02 -7.08 22.65
CA VAL A 139 -17.78 -6.75 23.37
C VAL A 139 -17.65 -5.26 23.54
N ILE A 140 -17.97 -4.50 22.52
CA ILE A 140 -17.78 -3.06 22.68
C ILE A 140 -18.70 -2.44 23.73
N SER A 141 -19.98 -2.82 23.71
CA SER A 141 -20.93 -2.44 24.77
C SER A 141 -20.68 -3.11 26.13
N SER A 142 -20.60 -4.45 26.17
CA SER A 142 -20.57 -5.15 27.45
C SER A 142 -19.18 -5.33 28.05
N GLU A 143 -18.22 -5.73 27.23
CA GLU A 143 -16.91 -6.05 27.76
C GLU A 143 -15.94 -4.88 27.91
N GLY A 144 -16.41 -3.63 27.75
CA GLY A 144 -15.56 -2.45 27.91
C GLY A 144 -14.37 -2.27 26.95
N ILE A 145 -14.39 -2.90 25.78
CA ILE A 145 -13.27 -2.85 24.81
C ILE A 145 -13.61 -2.04 23.57
N THR A 146 -12.75 -1.10 23.20
CA THR A 146 -13.03 -0.19 22.09
C THR A 146 -11.79 0.10 21.27
N SER A 147 -10.94 -0.91 21.06
CA SER A 147 -9.79 -0.77 20.18
C SER A 147 -9.35 -2.12 19.75
N LEU A 148 -8.95 -2.22 18.48
CA LEU A 148 -8.85 -3.50 17.80
C LEU A 148 -7.58 -3.63 16.99
N LYS A 149 -6.76 -4.64 17.26
CA LYS A 149 -5.50 -4.78 16.57
C LYS A 149 -5.57 -5.83 15.48
N VAL A 150 -5.06 -5.47 14.32
CA VAL A 150 -4.92 -6.39 13.23
C VAL A 150 -3.45 -6.41 12.84
N PHE A 151 -2.84 -7.57 12.78
CA PHE A 151 -1.46 -7.67 12.38
C PHE A 151 -1.37 -7.86 10.89
N MET A 152 -0.59 -7.05 10.21
CA MET A 152 -0.41 -7.21 8.78
C MET A 152 0.79 -8.10 8.51
N ALA A 153 1.48 -8.52 9.57
CA ALA A 153 2.64 -9.39 9.44
C ALA A 153 2.54 -10.62 10.37
N TYR A 154 3.67 -11.29 10.59
CA TYR A 154 3.71 -12.57 11.28
C TYR A 154 2.87 -13.58 10.55
N LYS A 155 3.30 -13.87 9.32
CA LYS A 155 2.59 -14.74 8.40
C LYS A 155 2.40 -16.12 9.01
N ASN A 156 1.21 -16.69 8.79
CA ASN A 156 0.80 -17.97 9.39
C ASN A 156 0.92 -18.02 10.93
N VAL A 157 0.79 -16.88 11.61
CA VAL A 157 0.74 -16.84 13.07
C VAL A 157 -0.32 -15.83 13.50
N PHE A 158 -0.14 -14.55 13.19
CA PHE A 158 -1.14 -13.54 13.55
C PHE A 158 -1.71 -12.74 12.38
N GLN A 159 -1.27 -13.04 11.17
CA GLN A 159 -1.48 -12.15 10.03
C GLN A 159 -2.90 -12.12 9.43
N ALA A 160 -3.43 -10.93 9.18
CA ALA A 160 -4.74 -10.77 8.54
C ALA A 160 -4.55 -10.32 7.11
N ASP A 161 -5.55 -10.48 6.27
CA ASP A 161 -5.46 -9.97 4.91
C ASP A 161 -6.31 -8.72 4.75
N ASP A 162 -6.15 -8.06 3.60
CA ASP A 162 -6.73 -6.75 3.39
C ASP A 162 -8.24 -6.81 3.63
N GLU A 163 -8.86 -7.93 3.27
CA GLU A 163 -10.27 -8.14 3.51
C GLU A 163 -10.63 -7.95 4.99
N THR A 164 -9.95 -8.72 5.84
CA THR A 164 -10.21 -8.69 7.26
C THR A 164 -10.01 -7.27 7.70
N LEU A 165 -8.80 -6.77 7.41
CA LEU A 165 -8.43 -5.36 7.64
C LEU A 165 -9.58 -4.38 7.29
N PHE A 166 -10.00 -4.34 6.04
CA PHE A 166 -11.14 -3.46 5.64
C PHE A 166 -12.49 -3.71 6.39
N LYS A 167 -12.98 -4.95 6.40
CA LYS A 167 -14.23 -5.28 7.10
C LYS A 167 -14.23 -4.77 8.54
N THR A 168 -13.09 -4.99 9.22
CA THR A 168 -12.88 -4.54 10.58
C THR A 168 -12.91 -3.02 10.66
N LEU A 169 -12.24 -2.35 9.72
CA LEU A 169 -12.27 -0.88 9.67
C LEU A 169 -13.70 -0.39 9.58
N VAL A 170 -14.51 -0.97 8.68
CA VAL A 170 -15.86 -0.43 8.42
C VAL A 170 -16.76 -0.71 9.60
N LYS A 171 -16.58 -1.87 10.24
CA LYS A 171 -17.28 -2.18 11.48
C LYS A 171 -16.88 -1.20 12.60
N ALA A 172 -15.57 -1.00 12.74
CA ALA A 172 -15.06 -0.11 13.74
C ALA A 172 -15.73 1.24 13.58
N LYS A 173 -15.86 1.71 12.33
CA LYS A 173 -16.55 2.96 12.02
C LYS A 173 -17.91 2.92 12.63
N GLU A 174 -18.57 1.80 12.38
CA GLU A 174 -19.96 1.63 12.73
C GLU A 174 -20.15 1.59 14.24
N LEU A 175 -19.28 0.85 14.92
CA LEU A 175 -19.37 0.68 16.38
C LEU A 175 -18.79 1.82 17.21
N GLY A 176 -17.73 2.46 16.71
CA GLY A 176 -16.96 3.43 17.50
C GLY A 176 -15.69 2.86 18.13
N ALA A 177 -14.84 2.25 17.32
CA ALA A 177 -13.67 1.56 17.80
C ALA A 177 -12.43 2.05 17.05
N LEU A 178 -11.30 2.03 17.72
CA LEU A 178 -10.07 2.48 17.11
C LEU A 178 -9.41 1.26 16.57
N VAL A 179 -9.12 1.22 15.29
CA VAL A 179 -8.40 0.12 14.75
C VAL A 179 -6.94 0.46 14.87
N GLN A 180 -6.18 -0.56 15.21
CA GLN A 180 -4.77 -0.44 15.31
C GLN A 180 -4.18 -1.48 14.43
N VAL A 181 -3.04 -1.15 13.82
CA VAL A 181 -2.36 -2.09 12.94
C VAL A 181 -0.88 -2.15 13.20
N HIS A 182 -0.35 -3.36 13.08
CA HIS A 182 1.08 -3.59 12.98
C HIS A 182 1.42 -3.61 11.51
N ALA A 183 2.01 -2.53 11.02
CA ALA A 183 2.08 -2.29 9.62
C ALA A 183 3.40 -2.72 9.06
N GLU A 184 3.54 -4.02 8.78
CA GLU A 184 4.63 -4.52 7.95
C GLU A 184 4.05 -5.55 7.02
N ASN A 185 4.57 -5.63 5.81
CA ASN A 185 4.03 -6.56 4.85
C ASN A 185 4.58 -7.94 5.10
N GLY A 186 3.86 -8.71 5.92
CA GLY A 186 4.12 -10.15 6.11
C GLY A 186 4.68 -10.84 4.87
N ASP A 187 3.97 -10.78 3.75
CA ASP A 187 4.37 -11.55 2.58
C ASP A 187 5.82 -11.26 2.18
N VAL A 188 6.22 -10.01 2.09
CA VAL A 188 7.60 -9.73 1.59
C VAL A 188 8.65 -10.09 2.64
N LEU A 189 8.26 -10.05 3.92
CA LEU A 189 9.18 -10.41 4.98
C LEU A 189 9.45 -11.91 5.00
N ASP A 190 8.40 -12.68 4.76
CA ASP A 190 8.54 -14.10 4.76
C ASP A 190 9.59 -14.46 3.70
N TYR A 191 9.43 -13.95 2.49
CA TYR A 191 10.29 -14.36 1.40
C TYR A 191 11.76 -14.07 1.74
N LEU A 192 12.01 -12.79 2.02
CA LEU A 192 13.33 -12.30 2.46
C LEU A 192 13.87 -13.13 3.64
N THR A 193 12.98 -13.51 4.54
CA THR A 193 13.34 -14.33 5.68
C THR A 193 13.76 -15.72 5.24
N LYS A 194 12.99 -16.35 4.37
CA LYS A 194 13.30 -17.73 3.94
C LYS A 194 14.46 -17.75 2.97
N LYS A 195 14.70 -16.63 2.31
CA LYS A 195 15.87 -16.46 1.43
C LYS A 195 17.15 -16.33 2.27
N ALA A 196 17.10 -15.50 3.30
CA ALA A 196 18.30 -15.23 4.08
C ALA A 196 18.82 -16.51 4.69
N LEU A 197 17.89 -17.46 4.92
CA LEU A 197 18.26 -18.79 5.42
C LEU A 197 18.84 -19.60 4.30
N ALA A 198 18.14 -19.67 3.18
CA ALA A 198 18.70 -20.29 1.97
C ALA A 198 20.19 -20.06 1.86
N GLU A 199 20.61 -18.81 2.08
CA GLU A 199 21.99 -18.39 1.88
C GLU A 199 22.91 -18.59 3.09
N GLY A 200 22.30 -18.98 4.20
CA GLY A 200 23.03 -19.25 5.43
C GLY A 200 23.41 -18.01 6.21
N ASN A 201 22.59 -16.96 6.13
CA ASN A 201 22.77 -15.78 6.98
C ASN A 201 21.79 -15.88 8.14
N THR A 202 22.25 -16.42 9.27
CA THR A 202 21.35 -16.80 10.36
C THR A 202 21.53 -15.99 11.64
N ASP A 203 22.56 -15.16 11.69
CA ASP A 203 22.79 -14.26 12.81
C ASP A 203 21.58 -13.37 13.10
N PRO A 204 21.52 -12.82 14.32
CA PRO A 204 20.36 -12.00 14.65
C PRO A 204 20.36 -10.69 13.90
N ILE A 205 21.51 -10.26 13.41
CA ILE A 205 21.56 -9.02 12.65
C ILE A 205 20.61 -9.13 11.45
N TYR A 206 20.51 -10.30 10.81
CA TYR A 206 19.66 -10.42 9.62
C TYR A 206 18.16 -10.36 9.90
N HIS A 207 17.78 -10.35 11.17
CA HIS A 207 16.41 -10.01 11.54
C HIS A 207 16.08 -8.60 11.07
N ALA A 208 17.06 -7.69 11.10
CA ALA A 208 16.87 -6.30 10.72
C ALA A 208 16.86 -6.07 9.22
N TYR A 209 17.75 -6.74 8.49
CA TYR A 209 17.81 -6.60 7.01
C TYR A 209 16.78 -7.46 6.26
N THR A 210 16.02 -8.30 6.96
CA THR A 210 14.96 -9.07 6.33
C THR A 210 13.60 -8.39 6.42
N ARG A 211 13.60 -7.15 6.91
CA ARG A 211 12.37 -6.37 7.01
C ARG A 211 12.64 -4.88 6.89
N PRO A 212 13.12 -4.48 5.71
CA PRO A 212 13.53 -3.12 5.46
C PRO A 212 12.42 -2.11 5.59
N PRO A 213 12.78 -0.86 5.89
CA PRO A 213 11.81 0.21 6.09
C PRO A 213 10.74 0.27 5.00
N GLU A 214 11.12 0.13 3.73
CA GLU A 214 10.15 0.19 2.64
C GLU A 214 8.92 -0.68 2.90
N ALA A 215 9.08 -1.73 3.70
CA ALA A 215 7.99 -2.67 3.97
C ALA A 215 7.02 -2.20 5.09
N GLU A 216 7.49 -1.28 5.94
CA GLU A 216 6.64 -0.65 6.97
C GLU A 216 5.92 0.51 6.33
N GLY A 217 6.70 1.24 5.53
CA GLY A 217 6.18 2.35 4.78
C GLY A 217 5.00 1.86 4.01
N GLU A 218 5.13 0.68 3.41
CA GLU A 218 4.13 0.19 2.50
C GLU A 218 2.86 -0.18 3.25
N ALA A 219 2.98 -0.95 4.32
CA ALA A 219 1.80 -1.40 5.05
C ALA A 219 1.10 -0.24 5.72
N THR A 220 1.87 0.71 6.19
CA THR A 220 1.32 1.91 6.83
C THR A 220 0.48 2.67 5.84
N GLY A 221 1.03 2.91 4.64
CA GLY A 221 0.32 3.56 3.57
C GLY A 221 -0.95 2.83 3.23
N ARG A 222 -0.85 1.52 3.15
CA ARG A 222 -1.95 0.64 2.79
C ARG A 222 -3.04 0.75 3.78
N ALA A 223 -2.66 0.61 5.04
CA ALA A 223 -3.66 0.62 6.13
C ALA A 223 -4.36 1.98 6.19
N ILE A 224 -3.63 3.03 5.86
CA ILE A 224 -4.21 4.35 5.79
C ILE A 224 -5.24 4.44 4.66
N ALA A 225 -4.94 3.81 3.54
CA ALA A 225 -5.77 3.99 2.38
C ALA A 225 -7.13 3.38 2.65
N LEU A 226 -7.17 2.20 3.28
CA LEU A 226 -8.48 1.56 3.63
C LEU A 226 -9.30 2.40 4.60
N THR A 227 -8.64 2.83 5.68
CA THR A 227 -9.18 3.81 6.62
C THR A 227 -9.88 4.98 5.88
N ALA A 228 -9.18 5.56 4.92
CA ALA A 228 -9.77 6.55 4.06
C ALA A 228 -11.05 6.00 3.40
N LEU A 229 -10.91 4.86 2.74
CA LEU A 229 -12.01 4.32 1.97
C LEU A 229 -13.17 3.97 2.86
N ALA A 230 -12.83 3.48 4.06
CA ALA A 230 -13.84 3.03 5.01
C ALA A 230 -14.52 4.17 5.75
N GLY A 231 -13.93 5.35 5.75
CA GLY A 231 -14.40 6.41 6.64
C GLY A 231 -14.10 6.17 8.12
N SER A 232 -13.20 5.23 8.43
CA SER A 232 -12.98 4.79 9.82
C SER A 232 -11.83 5.62 10.46
N GLN A 233 -11.18 5.08 11.51
CA GLN A 233 -10.06 5.78 12.19
C GLN A 233 -8.93 4.82 12.59
N LEU A 234 -7.66 5.24 12.44
CA LEU A 234 -6.52 4.31 12.52
C LEU A 234 -5.53 4.71 13.57
N TYR A 235 -4.74 3.79 14.07
CA TYR A 235 -3.69 4.10 15.03
C TYR A 235 -2.60 3.16 14.72
N VAL A 236 -1.55 3.65 14.09
CA VAL A 236 -0.44 2.77 13.70
C VAL A 236 0.43 2.65 14.91
N VAL A 237 0.69 1.44 15.34
CA VAL A 237 1.55 1.23 16.50
C VAL A 237 3.00 0.95 16.21
N HIS A 238 3.84 1.45 17.09
CA HIS A 238 5.27 1.50 16.87
C HIS A 238 5.83 1.87 15.53
N VAL A 239 5.69 3.14 15.19
CA VAL A 239 6.29 3.70 13.96
C VAL A 239 7.76 3.80 14.24
N SER A 240 8.58 3.24 13.37
CA SER A 240 10.02 3.13 13.65
C SER A 240 10.91 3.94 12.73
N CYS A 241 10.34 4.45 11.62
CA CYS A 241 11.13 4.95 10.47
C CYS A 241 10.44 6.08 9.75
N ALA A 242 11.20 6.76 8.91
CA ALA A 242 10.71 7.93 8.22
C ALA A 242 9.64 7.57 7.16
N SER A 243 9.90 6.53 6.37
CA SER A 243 8.92 6.00 5.40
C SER A 243 7.49 6.00 5.94
N ALA A 244 7.30 5.63 7.20
CA ALA A 244 5.94 5.56 7.77
C ALA A 244 5.48 6.90 8.33
N VAL A 245 6.33 7.59 9.08
CA VAL A 245 5.84 8.87 9.56
C VAL A 245 5.37 9.66 8.34
N GLN A 246 6.16 9.66 7.29
CA GLN A 246 5.77 10.34 6.08
C GLN A 246 4.33 10.06 5.63
N ARG A 247 3.98 8.78 5.57
CA ARG A 247 2.65 8.34 5.14
C ARG A 247 1.57 8.81 6.10
N ILE A 248 1.88 8.79 7.40
CA ILE A 248 1.01 9.31 8.47
C ILE A 248 0.85 10.82 8.34
N ALA A 249 1.95 11.53 8.21
CA ALA A 249 1.87 12.95 8.00
C ALA A 249 0.92 13.25 6.85
N GLU A 250 1.09 12.52 5.75
CA GLU A 250 0.46 12.84 4.51
C GLU A 250 -1.01 12.78 4.63
N ALA A 251 -1.49 11.81 5.39
CA ALA A 251 -2.90 11.60 5.56
C ALA A 251 -3.53 12.58 6.55
N ARG A 252 -2.77 12.95 7.57
CA ARG A 252 -3.28 13.89 8.56
C ARG A 252 -3.33 15.29 7.94
N GLU A 253 -2.69 15.49 6.80
CA GLU A 253 -2.71 16.78 6.09
C GLU A 253 -4.04 16.90 5.33
N LYS A 254 -4.51 15.75 4.81
CA LYS A 254 -5.83 15.64 4.18
C LYS A 254 -6.93 15.53 5.21
N GLY A 255 -6.58 15.56 6.50
CA GLY A 255 -7.58 15.68 7.53
C GLY A 255 -8.16 14.38 8.08
N TRP A 256 -7.78 13.23 7.56
CA TRP A 256 -8.36 11.95 8.03
C TRP A 256 -7.92 11.67 9.47
N ASN A 257 -8.67 10.84 10.20
CA ASN A 257 -8.29 10.49 11.57
C ASN A 257 -7.39 9.27 11.58
N VAL A 258 -6.10 9.52 11.45
CA VAL A 258 -5.04 8.54 11.54
C VAL A 258 -4.19 8.88 12.72
N TYR A 259 -3.75 7.91 13.49
CA TYR A 259 -2.91 8.26 14.61
C TYR A 259 -1.65 7.47 14.63
N GLY A 260 -0.73 7.90 15.47
CA GLY A 260 0.62 7.33 15.50
C GLY A 260 1.22 7.12 16.87
N GLU A 261 2.04 6.08 16.99
CA GLU A 261 2.70 5.73 18.23
C GLU A 261 4.13 5.32 17.94
N THR A 262 5.07 5.73 18.79
CA THR A 262 6.42 5.11 18.84
C THR A 262 6.66 4.48 20.20
N CYS A 263 7.86 3.94 20.33
CA CYS A 263 8.39 3.50 21.60
C CYS A 263 9.78 4.12 21.84
N PRO A 264 10.29 4.02 23.08
CA PRO A 264 11.57 4.61 23.33
C PRO A 264 12.73 4.04 22.48
N GLN A 265 12.76 2.73 22.30
CA GLN A 265 13.89 2.06 21.63
C GLN A 265 14.14 2.52 20.22
N TYR A 266 13.14 3.13 19.62
CA TYR A 266 13.31 3.67 18.29
C TYR A 266 13.77 5.11 18.40
N LEU A 267 13.64 5.67 19.59
CA LEU A 267 13.99 7.06 19.83
C LEU A 267 15.39 7.13 20.34
N ALA A 268 15.87 6.01 20.86
CA ALA A 268 17.10 5.98 21.61
C ALA A 268 18.09 4.84 21.26
N LEU A 269 17.77 3.96 20.29
CA LEU A 269 18.69 2.88 19.87
C LEU A 269 18.78 2.80 18.35
N ASP A 270 19.90 2.35 17.81
CA ASP A 270 19.97 2.13 16.34
C ASP A 270 20.53 0.77 15.93
N VAL A 271 20.52 0.49 14.63
CA VAL A 271 20.84 -0.86 14.17
C VAL A 271 22.25 -1.28 14.51
N SER A 272 23.17 -0.32 14.63
CA SER A 272 24.59 -0.67 14.78
C SER A 272 24.71 -1.59 15.96
N ILE A 273 23.93 -1.31 17.01
CA ILE A 273 23.99 -2.10 18.23
C ILE A 273 23.71 -3.60 18.04
N MET A 274 23.04 -3.97 16.96
CA MET A 274 22.83 -5.40 16.67
C MET A 274 24.11 -6.10 16.19
N ASP A 275 24.87 -5.45 15.33
CA ASP A 275 26.12 -6.02 14.87
C ASP A 275 27.07 -6.05 16.06
N GLN A 276 27.08 -7.20 16.72
CA GLN A 276 27.95 -7.50 17.87
C GLN A 276 28.33 -8.98 17.82
N PRO A 277 29.56 -9.30 18.21
CA PRO A 277 30.16 -10.60 17.97
C PRO A 277 29.30 -11.78 18.33
N ASP A 278 29.01 -11.95 19.61
CA ASP A 278 28.46 -13.23 20.06
C ASP A 278 27.00 -12.83 19.97
N PHE A 279 26.13 -13.59 20.62
CA PHE A 279 24.72 -13.61 20.35
C PHE A 279 24.10 -12.29 20.84
N GLU A 280 24.95 -11.32 21.15
CA GLU A 280 24.50 -10.07 21.77
C GLU A 280 23.35 -9.38 21.08
N GLY A 281 23.31 -9.47 19.76
CA GLY A 281 22.26 -8.81 18.97
C GLY A 281 20.85 -9.30 19.28
N ALA A 282 20.72 -10.56 19.70
CA ALA A 282 19.40 -11.12 20.02
C ALA A 282 18.65 -10.35 21.12
N LYS A 283 19.40 -9.56 21.88
CA LYS A 283 18.83 -8.64 22.82
C LYS A 283 18.00 -7.58 22.15
N TYR A 284 18.12 -7.45 20.82
CA TYR A 284 17.46 -6.36 20.13
C TYR A 284 16.44 -6.88 19.11
N VAL A 285 16.14 -8.16 19.20
CA VAL A 285 15.30 -8.75 18.19
C VAL A 285 13.87 -8.57 18.56
N TRP A 286 13.21 -7.73 17.78
CA TRP A 286 11.85 -7.32 18.03
C TRP A 286 11.36 -6.67 16.72
N SER A 287 10.06 -6.44 16.58
CA SER A 287 9.51 -6.03 15.27
C SER A 287 8.47 -4.90 15.29
N PRO A 288 8.70 -3.80 14.55
CA PRO A 288 9.76 -3.57 13.60
C PRO A 288 11.13 -3.51 14.26
N PRO A 289 12.20 -3.74 13.45
CA PRO A 289 13.55 -3.82 13.93
C PRO A 289 14.10 -2.46 14.20
N LEU A 290 15.27 -2.38 14.84
CA LEU A 290 15.93 -1.06 14.98
C LEU A 290 16.39 -0.57 13.61
N ARG A 291 16.59 0.73 13.53
CA ARG A 291 16.75 1.40 12.26
C ARG A 291 17.95 2.30 12.30
N GLU A 292 18.33 2.83 11.15
CA GLU A 292 19.46 3.75 11.07
C GLU A 292 19.18 5.00 11.89
N LYS A 293 20.22 5.54 12.55
CA LYS A 293 20.09 6.66 13.52
C LYS A 293 19.45 7.96 12.93
N TRP A 294 19.57 8.12 11.62
CA TRP A 294 18.90 9.19 10.88
C TRP A 294 17.43 9.28 11.28
N ASN A 295 16.79 8.13 11.44
CA ASN A 295 15.33 8.06 11.70
C ASN A 295 14.90 8.62 13.05
N GLN A 296 15.72 8.43 14.07
CA GLN A 296 15.38 8.92 15.40
C GLN A 296 14.93 10.38 15.34
N GLU A 297 15.76 11.23 14.75
CA GLU A 297 15.43 12.63 14.59
C GLU A 297 14.04 12.93 13.98
N VAL A 298 13.64 12.17 12.97
CA VAL A 298 12.36 12.34 12.29
C VAL A 298 11.21 11.95 13.23
N LEU A 299 11.29 10.76 13.81
CA LEU A 299 10.37 10.35 14.87
C LEU A 299 10.22 11.43 15.94
N TRP A 300 11.31 12.04 16.38
CA TRP A 300 11.22 13.06 17.43
C TRP A 300 10.53 14.27 16.89
N SER A 301 10.92 14.72 15.71
CA SER A 301 10.24 15.85 15.07
C SER A 301 8.71 15.66 14.96
N ALA A 302 8.34 14.40 14.70
CA ALA A 302 6.96 14.01 14.58
C ALA A 302 6.22 14.20 15.92
N LEU A 303 6.76 13.60 16.98
CA LEU A 303 6.21 13.83 18.29
C LEU A 303 6.06 15.33 18.56
N LYS A 304 7.08 16.13 18.27
CA LYS A 304 7.11 17.55 18.64
C LYS A 304 6.06 18.39 17.94
N ASN A 305 5.94 18.20 16.62
CA ASN A 305 4.94 18.91 15.84
C ASN A 305 3.64 18.08 15.66
N GLY A 306 3.40 17.19 16.59
CA GLY A 306 2.06 16.62 16.75
C GLY A 306 1.65 15.63 15.71
N ILE A 307 2.62 15.11 14.95
CA ILE A 307 2.34 14.17 13.88
C ILE A 307 2.20 12.74 14.38
N LEU A 308 3.12 12.27 15.25
CA LEU A 308 2.81 11.16 16.18
C LEU A 308 2.34 11.77 17.49
N GLN A 309 1.54 11.04 18.25
CA GLN A 309 0.98 11.64 19.45
C GLN A 309 0.98 10.82 20.73
N THR A 310 1.32 9.53 20.63
CA THR A 310 1.54 8.68 21.83
C THR A 310 2.84 7.92 21.78
N VAL A 311 3.25 7.44 22.97
CA VAL A 311 4.43 6.56 23.14
C VAL A 311 4.07 5.41 24.04
N GLY A 312 4.42 4.20 23.61
CA GLY A 312 4.22 2.99 24.41
C GLY A 312 5.46 2.15 24.47
N SER A 313 5.40 1.02 25.19
CA SER A 313 6.59 0.21 25.36
C SER A 313 6.69 -0.91 24.30
N ASP A 314 5.57 -1.56 23.97
CA ASP A 314 5.57 -2.90 23.33
C ASP A 314 6.48 -3.82 24.14
N HIS A 315 6.37 -3.68 25.46
CA HIS A 315 7.02 -4.54 26.40
C HIS A 315 6.55 -5.93 26.13
N CYS A 316 7.50 -6.80 25.86
CA CYS A 316 7.23 -8.19 25.51
C CYS A 316 8.54 -8.95 25.68
N PRO A 317 8.86 -9.35 26.90
CA PRO A 317 10.26 -9.64 27.08
C PRO A 317 10.56 -11.09 27.28
N PHE A 318 11.80 -11.44 26.99
CA PHE A 318 12.28 -12.80 27.05
C PHE A 318 13.75 -12.77 27.55
N ASN A 319 14.15 -13.73 28.38
CA ASN A 319 15.51 -13.79 28.91
C ASN A 319 16.51 -14.14 27.84
N PHE A 320 17.64 -13.44 27.88
CA PHE A 320 18.74 -13.73 26.94
C PHE A 320 19.15 -15.22 26.98
N ARG A 321 19.23 -15.78 28.19
CA ARG A 321 19.55 -17.19 28.38
C ARG A 321 18.27 -18.00 28.24
N GLY A 322 18.35 -19.14 27.56
CA GLY A 322 17.23 -20.07 27.47
C GLY A 322 16.16 -19.66 26.47
N GLN A 323 15.58 -18.48 26.70
CA GLN A 323 14.58 -17.93 25.80
C GLN A 323 15.08 -17.26 24.51
N LYS A 324 15.90 -16.23 24.60
CA LYS A 324 16.39 -15.64 23.37
C LYS A 324 17.31 -16.63 22.70
N GLU A 325 18.03 -17.41 23.50
CA GLU A 325 18.85 -18.54 23.01
C GLU A 325 18.09 -19.50 22.10
N LEU A 326 16.79 -19.70 22.30
CA LEU A 326 15.98 -20.59 21.45
C LEU A 326 16.35 -20.64 19.94
N GLY A 327 16.92 -19.57 19.39
CA GLY A 327 17.40 -19.58 18.01
C GLY A 327 18.83 -19.07 17.87
N ARG A 328 19.80 -19.82 18.38
CA ARG A 328 21.20 -19.57 18.04
C ARG A 328 21.33 -19.94 16.55
N GLY A 329 20.67 -21.02 16.16
CA GLY A 329 20.82 -21.56 14.80
C GLY A 329 20.23 -20.68 13.71
N ASP A 330 19.25 -19.87 14.08
CA ASP A 330 18.57 -19.01 13.12
C ASP A 330 17.66 -18.02 13.82
N PHE A 331 17.52 -16.83 13.24
CA PHE A 331 16.76 -15.75 13.85
C PHE A 331 15.26 -15.88 13.70
N THR A 332 14.77 -16.76 12.82
CA THR A 332 13.31 -17.01 12.75
C THR A 332 12.72 -17.35 14.12
N LYS A 333 13.52 -18.02 14.93
CA LYS A 333 13.07 -18.64 16.17
C LYS A 333 13.32 -17.79 17.41
N ILE A 334 14.12 -16.73 17.28
CA ILE A 334 14.25 -15.81 18.39
C ILE A 334 12.86 -15.27 18.65
N PRO A 335 12.34 -15.52 19.86
CA PRO A 335 11.08 -14.85 20.08
C PRO A 335 11.28 -13.32 20.06
N ASN A 336 10.56 -12.63 19.19
CA ASN A 336 10.71 -11.17 19.00
C ASN A 336 10.21 -10.38 20.17
N GLY A 337 11.07 -9.63 20.88
CA GLY A 337 10.54 -8.65 21.84
C GLY A 337 11.52 -8.15 22.90
N GLY A 338 11.20 -7.00 23.47
CA GLY A 338 12.11 -6.33 24.41
C GLY A 338 11.46 -6.00 25.74
N PRO A 339 12.30 -5.74 26.76
CA PRO A 339 11.85 -5.26 28.08
C PRO A 339 11.92 -3.72 28.16
N LEU A 340 10.77 -3.07 28.03
CA LEU A 340 10.71 -1.64 27.68
C LEU A 340 9.77 -0.82 28.51
N ILE A 341 9.07 -1.48 29.41
CA ILE A 341 7.97 -0.88 30.15
C ILE A 341 8.40 0.07 31.24
N GLU A 342 9.58 -0.15 31.80
CA GLU A 342 9.99 0.52 33.02
C GLU A 342 10.66 1.87 32.73
N ASP A 343 11.58 1.85 31.78
CA ASP A 343 12.41 3.02 31.50
C ASP A 343 11.73 4.04 30.62
N ARG A 344 10.68 3.59 29.94
CA ARG A 344 9.92 4.38 28.95
C ARG A 344 9.74 5.79 29.37
N LEU A 345 9.18 5.95 30.56
CA LEU A 345 8.80 7.26 31.01
C LEU A 345 10.01 8.15 31.11
N THR A 346 11.07 7.64 31.69
CA THR A 346 12.17 8.51 32.06
C THR A 346 13.10 8.72 30.90
N ILE A 347 13.05 7.88 29.87
CA ILE A 347 13.90 8.17 28.73
C ILE A 347 13.20 9.28 27.94
N LEU A 348 11.88 9.23 27.90
CA LEU A 348 11.13 10.32 27.32
C LEU A 348 11.50 11.62 28.02
N TYR A 349 11.61 11.58 29.35
CA TYR A 349 11.93 12.76 30.09
C TYR A 349 13.34 13.24 29.76
N SER A 350 14.31 12.34 29.90
CA SER A 350 15.75 12.67 29.88
C SER A 350 16.30 12.97 28.48
N GLU A 351 15.88 12.19 27.50
CA GLU A 351 16.42 12.35 26.16
C GLU A 351 15.65 13.40 25.42
N GLY A 352 14.38 13.58 25.79
CA GLY A 352 13.47 14.52 25.13
C GLY A 352 13.40 15.89 25.78
N VAL A 353 12.76 15.98 26.95
CA VAL A 353 12.59 17.28 27.62
C VAL A 353 13.95 17.87 27.95
N ARG A 354 14.74 17.08 28.69
CA ARG A 354 16.03 17.54 29.21
C ARG A 354 17.00 18.05 28.17
N GLN A 355 16.94 17.50 26.96
CA GLN A 355 17.77 17.97 25.85
C GLN A 355 16.99 18.72 24.79
N GLY A 356 15.93 19.40 25.21
CA GLY A 356 15.28 20.41 24.37
C GLY A 356 14.52 19.97 23.12
N ARG A 357 14.12 18.70 23.05
CA ARG A 357 13.37 18.18 21.89
C ARG A 357 11.84 18.34 22.03
N ILE A 358 11.35 18.22 23.25
CA ILE A 358 9.95 18.50 23.55
C ILE A 358 9.82 19.35 24.80
N SER A 359 8.64 19.95 24.95
CA SER A 359 8.34 20.73 26.11
C SER A 359 7.93 19.78 27.21
N LEU A 360 7.87 20.29 28.43
CA LEU A 360 7.59 19.50 29.60
C LEU A 360 6.11 19.16 29.56
N ASN A 361 5.28 20.13 29.21
CA ASN A 361 3.88 19.85 28.92
C ASN A 361 3.69 18.77 27.85
N GLN A 362 4.50 18.77 26.82
CA GLN A 362 4.35 17.72 25.80
C GLN A 362 4.73 16.34 26.31
N PHE A 363 5.71 16.32 27.19
CA PHE A 363 6.19 15.08 27.73
C PHE A 363 5.06 14.37 28.45
N VAL A 364 4.14 15.11 29.04
CA VAL A 364 3.01 14.49 29.73
C VAL A 364 2.05 13.99 28.69
N ASP A 365 1.69 14.86 27.77
CA ASP A 365 0.75 14.53 26.72
C ASP A 365 1.13 13.27 25.95
N ILE A 366 2.41 13.15 25.68
CA ILE A 366 3.00 12.08 24.87
C ILE A 366 3.08 10.75 25.60
N SER A 367 3.18 10.80 26.91
CA SER A 367 3.34 9.60 27.76
C SER A 367 2.05 9.17 28.49
N SER A 368 1.12 10.10 28.63
CA SER A 368 -0.06 9.88 29.45
C SER A 368 -1.39 10.33 28.80
N THR A 369 -1.65 11.64 28.78
CA THR A 369 -2.97 12.14 28.38
C THR A 369 -3.49 11.63 27.03
N LYS A 370 -2.78 11.94 25.96
CA LYS A 370 -3.28 11.65 24.63
C LYS A 370 -3.66 10.18 24.46
N ALA A 371 -2.89 9.26 25.03
CA ALA A 371 -3.28 7.88 25.05
C ALA A 371 -4.64 7.61 25.73
N ALA A 372 -4.97 8.36 26.77
CA ALA A 372 -6.29 8.27 27.43
C ALA A 372 -7.45 8.72 26.53
N LYS A 373 -7.22 9.77 25.78
CA LYS A 373 -8.25 10.36 24.99
C LYS A 373 -8.53 9.51 23.78
N LEU A 374 -7.49 8.91 23.23
CA LEU A 374 -7.70 8.01 22.10
C LEU A 374 -8.30 6.67 22.54
N PHE A 375 -7.97 6.18 23.72
CA PHE A 375 -8.46 4.88 24.13
C PHE A 375 -9.65 4.93 25.06
N GLY A 376 -10.24 6.11 25.23
CA GLY A 376 -11.49 6.23 25.98
C GLY A 376 -11.33 5.94 27.46
N MET A 377 -10.31 6.51 28.09
CA MET A 377 -10.12 6.41 29.52
C MET A 377 -10.17 7.81 30.16
N PHE A 378 -10.53 8.84 29.37
CA PHE A 378 -10.41 10.22 29.82
C PHE A 378 -11.76 10.78 30.24
N PRO A 379 -11.81 11.46 31.40
CA PRO A 379 -10.77 11.98 32.24
C PRO A 379 -10.44 11.17 33.49
N ARG A 380 -11.02 9.97 33.60
CA ARG A 380 -10.65 9.07 34.68
C ARG A 380 -9.13 8.90 34.75
N LYS A 381 -8.45 8.94 33.63
CA LYS A 381 -7.03 8.70 33.62
C LYS A 381 -6.28 9.71 32.72
N GLY A 382 -5.06 10.06 33.07
CA GLY A 382 -4.21 10.84 32.18
C GLY A 382 -4.22 12.33 32.41
N THR A 383 -4.70 12.77 33.57
CA THR A 383 -4.62 14.16 33.93
C THR A 383 -4.73 14.31 35.43
N ILE A 384 -4.18 15.40 36.00
CA ILE A 384 -4.46 15.83 37.39
C ILE A 384 -5.54 16.98 37.46
N ALA A 385 -6.80 16.55 37.53
CA ALA A 385 -7.90 17.47 37.69
C ALA A 385 -8.91 16.93 38.71
N VAL A 386 -9.79 17.80 39.17
CA VAL A 386 -10.84 17.40 40.11
C VAL A 386 -11.75 16.39 39.43
N GLY A 387 -11.85 15.20 39.99
CA GLY A 387 -12.66 14.12 39.42
C GLY A 387 -11.82 12.95 39.01
N SER A 388 -10.59 13.25 38.64
CA SER A 388 -9.75 12.24 38.01
C SER A 388 -9.23 11.24 39.07
N ASP A 389 -9.06 9.97 38.69
CA ASP A 389 -8.42 9.02 39.59
C ASP A 389 -7.08 9.63 40.06
N ALA A 390 -6.68 9.32 41.30
CA ALA A 390 -5.47 9.87 41.83
C ALA A 390 -4.36 8.91 41.44
N ASP A 391 -4.05 8.90 40.14
CA ASP A 391 -2.88 8.21 39.63
C ASP A 391 -1.80 9.26 39.44
N ILE A 392 -1.22 9.69 40.56
CA ILE A 392 -0.21 10.71 40.56
C ILE A 392 1.15 10.02 40.68
N VAL A 393 2.20 10.79 40.39
CA VAL A 393 3.53 10.32 40.30
C VAL A 393 4.38 11.47 40.68
N ILE A 394 5.05 11.35 41.81
CA ILE A 394 6.04 12.35 42.20
C ILE A 394 7.34 12.00 41.51
N PHE A 395 8.02 13.00 40.98
CA PHE A 395 9.12 12.75 40.03
C PHE A 395 10.26 13.74 40.25
N ASP A 396 11.46 13.22 40.48
CA ASP A 396 12.59 14.04 40.80
C ASP A 396 13.40 14.19 39.56
N PRO A 397 13.43 15.39 38.98
CA PRO A 397 14.15 15.63 37.73
C PRO A 397 15.68 15.85 37.87
N HIS A 398 16.17 15.89 39.10
CA HIS A 398 17.56 16.32 39.38
C HIS A 398 18.52 15.13 39.52
N VAL A 399 17.98 13.99 39.91
CA VAL A 399 18.76 12.76 40.02
C VAL A 399 19.51 12.50 38.72
N LYS A 400 20.76 12.06 38.82
CA LYS A 400 21.43 11.46 37.67
C LYS A 400 21.63 9.99 38.00
N ARG A 401 21.21 9.12 37.10
CA ARG A 401 21.36 7.70 37.37
C ARG A 401 21.58 6.94 36.09
N THR A 402 22.13 5.74 36.25
CA THR A 402 22.56 4.95 35.14
C THR A 402 21.58 3.81 35.08
N LEU A 403 21.01 3.53 33.90
CA LEU A 403 20.02 2.46 33.77
C LEU A 403 20.71 1.13 33.68
N SER A 404 20.24 0.17 34.44
CA SER A 404 20.89 -1.13 34.42
C SER A 404 19.98 -2.29 34.81
N VAL A 405 20.36 -3.49 34.38
CA VAL A 405 19.69 -4.66 34.90
C VAL A 405 19.94 -4.78 36.38
N GLU A 406 21.13 -4.37 36.85
CA GLU A 406 21.52 -4.59 38.26
C GLU A 406 20.52 -3.92 39.14
N THR A 407 19.93 -2.84 38.64
CA THR A 407 18.99 -2.02 39.41
C THR A 407 17.55 -1.98 38.93
N HIS A 408 17.20 -2.46 37.72
CA HIS A 408 15.75 -2.45 37.26
C HIS A 408 14.86 -3.49 37.97
N HIS A 409 13.54 -3.40 37.76
CA HIS A 409 12.55 -4.27 38.45
C HIS A 409 11.80 -5.28 37.56
N MET A 410 12.01 -5.23 36.25
CA MET A 410 11.38 -6.21 35.33
C MET A 410 12.01 -7.56 35.61
N ASN A 411 11.28 -8.64 35.34
CA ASN A 411 11.75 -9.97 35.73
C ASN A 411 12.54 -10.66 34.61
N VAL A 412 13.60 -9.98 34.16
CA VAL A 412 14.37 -10.40 32.99
C VAL A 412 15.83 -10.17 33.27
N ASP A 413 16.67 -10.98 32.63
CA ASP A 413 18.12 -10.91 32.86
C ASP A 413 18.91 -9.80 32.17
N TYR A 414 18.27 -8.93 31.39
CA TYR A 414 19.00 -7.83 30.74
C TYR A 414 18.19 -6.53 30.58
N ASN A 415 18.89 -5.47 30.18
CA ASN A 415 18.29 -4.17 29.88
C ASN A 415 18.87 -3.56 28.62
N PRO A 416 18.04 -3.32 27.61
CA PRO A 416 18.52 -2.86 26.32
C PRO A 416 19.24 -1.49 26.35
N PHE A 417 18.92 -0.65 27.33
CA PHE A 417 19.59 0.70 27.53
C PHE A 417 20.68 0.65 28.59
N GLU A 418 21.03 -0.60 28.97
CA GLU A 418 22.09 -0.90 29.90
C GLU A 418 23.27 0.03 29.71
N GLY A 419 23.57 0.77 30.77
CA GLY A 419 24.73 1.63 30.77
C GLY A 419 24.40 3.08 30.41
N MET A 420 23.17 3.35 30.00
CA MET A 420 22.83 4.70 29.59
C MET A 420 22.64 5.66 30.79
N GLU A 421 23.30 6.81 30.72
CA GLU A 421 23.26 7.80 31.80
C GLU A 421 22.08 8.68 31.51
N VAL A 422 21.25 8.88 32.53
CA VAL A 422 19.91 9.44 32.40
C VAL A 422 19.55 10.32 33.60
N TYR A 423 18.87 11.44 33.33
CA TYR A 423 18.30 12.28 34.38
C TYR A 423 16.88 11.85 34.76
N GLY A 424 16.49 12.08 36.01
CA GLY A 424 15.13 11.85 36.46
C GLY A 424 14.92 10.50 37.08
N GLU A 425 14.11 10.46 38.14
CA GLU A 425 13.85 9.24 38.92
C GLU A 425 12.45 9.23 39.52
N VAL A 426 11.83 8.07 39.63
CA VAL A 426 10.46 8.01 40.14
C VAL A 426 10.53 7.86 41.64
N VAL A 427 9.97 8.81 42.41
CA VAL A 427 10.04 8.75 43.89
C VAL A 427 8.92 7.96 44.48
N SER A 428 7.69 8.35 44.12
CA SER A 428 6.49 7.63 44.56
C SER A 428 5.37 7.68 43.55
N VAL A 429 4.59 6.62 43.55
CA VAL A 429 3.50 6.48 42.63
C VAL A 429 2.25 6.15 43.40
N LEU A 430 1.20 6.93 43.21
CA LEU A 430 -0.12 6.59 43.72
C LEU A 430 -0.98 6.01 42.61
N SER A 431 -1.82 5.02 42.94
CA SER A 431 -2.84 4.44 42.01
C SER A 431 -4.21 4.49 42.65
N ARG A 432 -5.09 5.33 42.12
CA ARG A 432 -6.38 5.66 42.79
C ARG A 432 -6.15 6.04 44.28
N GLY A 433 -5.05 6.76 44.51
CA GLY A 433 -4.76 7.36 45.81
C GLY A 433 -4.30 6.42 46.88
N SER A 434 -3.83 5.23 46.50
CA SER A 434 -3.07 4.32 47.39
C SER A 434 -1.66 4.22 46.85
N PHE A 435 -0.71 4.13 47.77
CA PHE A 435 0.66 3.99 47.35
C PHE A 435 0.84 2.63 46.70
N VAL A 436 1.54 2.62 45.56
CA VAL A 436 2.08 1.40 44.98
C VAL A 436 3.60 1.41 45.18
N VAL A 437 4.20 2.59 45.10
CA VAL A 437 5.60 2.71 45.37
C VAL A 437 5.79 3.93 46.22
N ARG A 438 6.48 3.75 47.35
CA ARG A 438 6.83 4.88 48.23
C ARG A 438 8.28 5.01 48.67
N ASP A 439 8.85 6.20 48.45
CA ASP A 439 10.29 6.43 48.49
C ASP A 439 11.08 5.29 47.85
N LYS A 440 10.62 4.81 46.68
CA LYS A 440 11.29 3.77 45.91
C LYS A 440 11.22 2.40 46.56
N GLN A 441 10.06 2.05 47.08
CA GLN A 441 9.84 0.78 47.77
C GLN A 441 8.51 0.18 47.33
N PHE A 442 8.49 -1.11 47.02
CA PHE A 442 7.22 -1.71 46.65
C PHE A 442 6.31 -1.96 47.87
N VAL A 443 5.42 -1.01 48.13
CA VAL A 443 4.41 -1.16 49.18
C VAL A 443 3.04 -1.56 48.62
N GLY A 444 2.99 -2.05 47.39
CA GLY A 444 1.72 -2.37 46.78
C GLY A 444 1.27 -3.75 47.14
N GLN A 445 0.09 -4.11 46.66
CA GLN A 445 -0.40 -5.45 46.81
C GLN A 445 -0.83 -6.00 45.45
N ALA A 446 -0.48 -7.24 45.16
CA ALA A 446 -1.01 -7.93 44.01
C ALA A 446 -2.52 -7.94 44.13
N GLY A 447 -3.23 -7.81 43.01
CA GLY A 447 -4.68 -7.92 42.96
C GLY A 447 -5.44 -6.59 43.05
N SER A 448 -4.74 -5.56 43.52
CA SER A 448 -5.31 -4.20 43.67
C SER A 448 -5.59 -3.55 42.35
N GLY A 449 -5.09 -4.09 41.25
CA GLY A 449 -5.41 -3.52 39.97
C GLY A 449 -6.85 -3.74 39.52
N GLN A 450 -7.46 -2.68 39.01
CA GLN A 450 -8.79 -2.79 38.46
C GLN A 450 -8.77 -2.66 36.96
N TYR A 451 -9.59 -3.50 36.33
CA TYR A 451 -9.89 -3.44 34.90
C TYR A 451 -10.52 -2.06 34.62
N ILE A 452 -10.18 -1.48 33.46
CA ILE A 452 -10.79 -0.19 33.01
C ILE A 452 -11.66 -0.46 31.80
N LYS A 453 -12.94 -0.19 31.96
CA LYS A 453 -13.85 -0.28 30.88
C LYS A 453 -13.74 1.07 30.18
N ARG A 454 -13.47 1.03 28.89
CA ARG A 454 -13.18 2.20 28.10
C ARG A 454 -14.41 2.59 27.29
N THR A 455 -14.50 3.86 26.94
CA THR A 455 -15.55 4.41 26.08
C THR A 455 -15.16 4.32 24.60
N THR A 456 -16.16 4.54 23.76
CA THR A 456 -16.01 4.50 22.30
C THR A 456 -15.33 5.76 21.76
N PHE A 457 -14.83 5.70 20.53
CA PHE A 457 -13.87 6.65 20.01
C PHE A 457 -14.41 8.03 19.83
N GLU A 458 -13.53 9.01 20.02
CA GLU A 458 -13.89 10.42 19.93
C GLU A 458 -12.61 11.27 19.87
N GLN A 459 -12.56 12.23 18.96
CA GLN A 459 -11.29 12.88 18.61
C GLN A 459 -10.01 13.46 19.21
N ALA A 460 -10.13 14.36 20.19
CA ALA A 460 -8.87 14.78 20.79
C ALA A 460 -8.86 16.29 20.95
N LYS B 1 10.15 -3.52 -53.77
CA LYS B 1 10.52 -2.08 -53.68
C LYS B 1 9.35 -1.09 -53.83
N LYS B 2 9.19 -0.28 -52.79
CA LYS B 2 8.19 0.78 -52.72
C LYS B 2 8.87 2.10 -52.42
N TRP B 3 8.20 3.18 -52.79
CA TRP B 3 8.77 4.52 -52.72
C TRP B 3 7.73 5.55 -52.30
N ILE B 4 7.82 5.94 -51.03
CA ILE B 4 7.03 7.05 -50.49
C ILE B 4 7.80 8.33 -50.70
N ARG B 5 7.20 9.21 -51.49
CA ARG B 5 7.79 10.49 -51.76
C ARG B 5 6.76 11.55 -51.52
N GLY B 6 7.25 12.76 -51.25
CA GLY B 6 6.40 13.91 -50.93
C GLY B 6 6.06 14.04 -49.46
N GLY B 7 6.42 13.03 -48.67
CA GLY B 7 5.96 12.90 -47.31
C GLY B 7 6.64 13.90 -46.43
N THR B 8 5.95 14.29 -45.35
CA THR B 8 6.65 14.83 -44.19
C THR B 8 6.68 13.78 -43.09
N VAL B 9 7.88 13.27 -42.84
CA VAL B 9 8.08 12.20 -41.90
C VAL B 9 8.19 12.81 -40.51
N VAL B 10 7.63 12.10 -39.53
CA VAL B 10 7.60 12.51 -38.14
C VAL B 10 7.91 11.30 -37.31
N THR B 11 8.90 11.44 -36.42
CA THR B 11 9.30 10.37 -35.51
C THR B 11 9.23 10.88 -34.07
N ALA B 12 9.68 10.07 -33.11
CA ALA B 12 9.77 10.53 -31.71
C ALA B 12 10.65 11.78 -31.53
N ALA B 13 11.67 11.90 -32.39
CA ALA B 13 12.58 13.02 -32.34
C ALA B 13 12.49 14.01 -33.51
N ASP B 14 12.49 13.49 -34.73
CA ASP B 14 12.69 14.25 -35.95
C ASP B 14 11.40 14.68 -36.65
N THR B 15 11.49 15.76 -37.42
CA THR B 15 10.43 16.19 -38.31
C THR B 15 11.00 16.84 -39.55
N TYR B 16 10.86 16.17 -40.68
CA TYR B 16 11.50 16.64 -41.91
C TYR B 16 10.75 16.09 -43.09
N GLN B 17 11.07 16.62 -44.28
CA GLN B 17 10.44 16.18 -45.55
C GLN B 17 11.46 15.49 -46.45
N ALA B 18 11.12 14.29 -46.89
CA ALA B 18 12.07 13.46 -47.58
C ALA B 18 11.35 12.24 -48.05
N ASP B 19 11.96 11.56 -49.00
CA ASP B 19 11.37 10.35 -49.51
C ASP B 19 11.98 9.24 -48.73
N VAL B 20 11.17 8.31 -48.29
CA VAL B 20 11.71 7.10 -47.71
C VAL B 20 11.60 6.06 -48.80
N LEU B 21 12.42 5.02 -48.69
CA LEU B 21 12.57 4.00 -49.71
C LEU B 21 12.59 2.64 -49.08
N ILE B 22 11.52 1.88 -49.32
CA ILE B 22 11.38 0.55 -48.75
C ILE B 22 11.86 -0.47 -49.76
N GLU B 23 12.53 -1.51 -49.28
CA GLU B 23 12.91 -2.63 -50.12
C GLU B 23 12.64 -3.88 -49.31
N GLY B 24 11.91 -4.83 -49.89
CA GLY B 24 11.59 -6.03 -49.15
C GLY B 24 10.67 -5.69 -47.98
N GLU B 25 11.11 -6.03 -46.76
CA GLU B 25 10.32 -5.74 -45.57
C GLU B 25 10.80 -4.46 -44.81
N ARG B 26 11.91 -3.86 -45.23
CA ARG B 26 12.60 -2.86 -44.41
C ARG B 26 12.87 -1.57 -45.13
N VAL B 27 12.78 -0.47 -44.37
CA VAL B 27 13.33 0.80 -44.82
C VAL B 27 14.83 0.65 -45.03
N VAL B 28 15.31 1.30 -46.07
CA VAL B 28 16.58 1.01 -46.67
C VAL B 28 17.32 2.32 -46.95
N ALA B 29 16.59 3.37 -47.34
CA ALA B 29 17.21 4.67 -47.44
C ALA B 29 16.21 5.78 -47.35
N ILE B 30 16.71 6.94 -47.00
CA ILE B 30 15.90 8.12 -46.78
C ILE B 30 16.64 9.32 -47.34
N GLY B 31 15.92 10.22 -47.97
CA GLY B 31 16.50 11.48 -48.44
C GLY B 31 15.97 11.97 -49.76
N HIS B 32 16.79 12.75 -50.45
CA HIS B 32 16.51 13.21 -51.79
C HIS B 32 17.27 12.38 -52.82
N GLN B 33 16.71 12.25 -54.02
CA GLN B 33 17.34 11.51 -55.10
C GLN B 33 17.74 10.09 -54.67
N GLY B 38 13.43 1.17 -60.46
CA GLY B 38 12.07 0.84 -60.83
C GLY B 38 11.31 0.24 -59.66
N ALA B 39 10.40 1.01 -59.03
CA ALA B 39 9.78 0.62 -57.75
C ALA B 39 8.47 1.33 -57.55
N GLU B 40 7.57 0.74 -56.75
CA GLU B 40 6.20 1.20 -56.68
C GLU B 40 6.20 2.53 -56.01
N GLU B 41 5.82 3.52 -56.78
CA GLU B 41 5.66 4.85 -56.24
C GLU B 41 4.41 4.85 -55.37
N ILE B 42 4.41 5.69 -54.34
CA ILE B 42 3.23 5.96 -53.53
C ILE B 42 3.36 7.42 -53.07
N ASP B 43 2.41 8.24 -53.51
CA ASP B 43 2.48 9.70 -53.31
C ASP B 43 2.00 9.99 -51.92
N ALA B 44 2.75 10.80 -51.20
CA ALA B 44 2.37 11.20 -49.83
C ALA B 44 2.52 12.68 -49.60
N THR B 45 2.43 13.44 -50.67
CA THR B 45 2.48 14.89 -50.57
C THR B 45 1.40 15.36 -49.63
N GLY B 46 1.77 16.22 -48.68
CA GLY B 46 0.82 16.85 -47.74
C GLY B 46 0.30 16.01 -46.59
N CYS B 47 0.64 14.73 -46.60
CA CYS B 47 0.29 13.80 -45.52
C CYS B 47 1.51 13.69 -44.60
N TYR B 48 1.26 13.28 -43.36
CA TYR B 48 2.36 12.94 -42.44
C TYR B 48 2.71 11.48 -42.67
N VAL B 49 4.00 11.18 -42.60
CA VAL B 49 4.45 9.79 -42.70
C VAL B 49 4.98 9.35 -41.36
N ILE B 50 4.39 8.33 -40.74
CA ILE B 50 4.77 8.05 -39.37
C ILE B 50 4.91 6.59 -39.13
N PRO B 51 5.68 6.27 -38.09
CA PRO B 51 5.77 4.85 -37.77
C PRO B 51 4.44 4.27 -37.29
N GLY B 52 4.27 2.98 -37.51
CA GLY B 52 3.08 2.31 -37.12
C GLY B 52 2.84 2.45 -35.65
N GLY B 53 1.58 2.55 -35.28
CA GLY B 53 1.23 2.51 -33.89
C GLY B 53 1.65 1.19 -33.32
N ILE B 54 1.94 1.19 -32.03
CA ILE B 54 2.03 -0.05 -31.32
C ILE B 54 1.10 0.08 -30.16
N ASP B 55 0.31 -0.97 -29.98
CA ASP B 55 -0.70 -0.99 -28.94
C ASP B 55 -0.31 -2.13 -28.03
N PRO B 56 0.25 -1.78 -26.89
CA PRO B 56 0.75 -2.78 -25.99
C PRO B 56 -0.30 -3.36 -25.02
N HIS B 57 -1.58 -3.14 -25.26
CA HIS B 57 -2.61 -3.63 -24.33
C HIS B 57 -3.90 -4.13 -25.06
N THR B 58 -3.94 -5.43 -25.31
CA THR B 58 -5.00 -6.03 -26.11
C THR B 58 -5.47 -7.30 -25.46
N HIS B 59 -6.73 -7.61 -25.67
CA HIS B 59 -7.28 -8.92 -25.33
C HIS B 59 -8.19 -9.35 -26.47
N LEU B 60 -7.60 -9.88 -27.53
CA LEU B 60 -8.37 -10.37 -28.66
C LEU B 60 -8.68 -11.84 -28.38
N ASP B 61 -9.95 -12.22 -28.53
CA ASP B 61 -10.40 -13.59 -28.30
C ASP B 61 -10.03 -14.03 -26.87
N MET B 62 -10.67 -13.40 -25.89
CA MET B 62 -10.46 -13.70 -24.48
C MET B 62 -11.77 -14.17 -23.86
N PRO B 63 -11.69 -15.13 -22.96
CA PRO B 63 -12.88 -15.42 -22.15
C PRO B 63 -12.97 -14.59 -20.88
N PHE B 64 -14.14 -14.03 -20.63
CA PHE B 64 -14.38 -13.14 -19.51
C PHE B 64 -15.90 -13.04 -19.37
N GLY B 65 -16.41 -13.29 -18.17
CA GLY B 65 -17.75 -13.87 -18.05
C GLY B 65 -17.68 -15.28 -18.65
N GLY B 66 -18.85 -15.92 -18.79
CA GLY B 66 -18.97 -17.24 -19.45
C GLY B 66 -18.89 -17.13 -20.97
N THR B 67 -18.70 -15.88 -21.44
CA THR B 67 -18.61 -15.48 -22.86
C THR B 67 -17.19 -15.01 -23.28
N VAL B 68 -17.01 -14.77 -24.59
CA VAL B 68 -15.70 -14.42 -25.20
C VAL B 68 -15.74 -13.05 -25.89
N THR B 69 -14.59 -12.41 -26.07
CA THR B 69 -14.58 -11.05 -26.60
C THR B 69 -14.91 -11.09 -28.07
N ALA B 70 -15.70 -10.08 -28.48
CA ALA B 70 -16.29 -9.94 -29.81
C ALA B 70 -15.31 -10.08 -30.93
N ASP B 71 -14.28 -9.23 -30.92
CA ASP B 71 -13.22 -9.34 -31.91
C ASP B 71 -12.38 -10.58 -31.64
N ASP B 72 -11.94 -11.22 -32.71
CA ASP B 72 -10.91 -12.25 -32.67
C ASP B 72 -9.61 -11.61 -33.15
N PHE B 73 -8.57 -12.43 -33.30
CA PHE B 73 -7.29 -11.94 -33.83
C PHE B 73 -7.36 -11.42 -35.25
N PHE B 74 -8.39 -11.78 -36.02
CA PHE B 74 -8.55 -11.22 -37.37
C PHE B 74 -9.29 -9.88 -37.38
N THR B 75 -10.54 -9.89 -36.90
CA THR B 75 -11.30 -8.66 -36.84
C THR B 75 -10.54 -7.59 -36.06
N GLY B 76 -9.94 -8.00 -34.95
CA GLY B 76 -9.16 -7.12 -34.09
C GLY B 76 -8.05 -6.40 -34.86
N THR B 77 -7.04 -7.16 -35.28
CA THR B 77 -5.89 -6.59 -35.99
C THR B 77 -6.20 -5.76 -37.26
N ARG B 78 -7.28 -6.10 -37.94
CA ARG B 78 -7.76 -5.33 -39.07
C ARG B 78 -8.12 -3.96 -38.57
N ALA B 79 -8.98 -3.93 -37.55
CA ALA B 79 -9.44 -2.66 -37.00
C ALA B 79 -8.26 -1.80 -36.52
N ALA B 80 -7.26 -2.45 -35.91
CA ALA B 80 -6.04 -1.77 -35.46
C ALA B 80 -5.40 -1.07 -36.63
N ALA B 81 -5.17 -1.85 -37.68
CA ALA B 81 -4.63 -1.36 -38.93
C ALA B 81 -5.45 -0.20 -39.47
N PHE B 82 -6.77 -0.38 -39.57
CA PHE B 82 -7.60 0.72 -40.07
C PHE B 82 -7.42 2.02 -39.31
N GLY B 83 -7.10 1.92 -38.01
CA GLY B 83 -6.99 3.05 -37.12
C GLY B 83 -5.56 3.47 -36.80
N GLY B 84 -4.61 2.94 -37.57
CA GLY B 84 -3.23 3.41 -37.54
C GLY B 84 -2.22 2.52 -36.84
N THR B 85 -2.64 1.37 -36.33
CA THR B 85 -1.77 0.55 -35.49
C THR B 85 -1.28 -0.69 -36.21
N THR B 86 0.03 -0.94 -36.12
CA THR B 86 0.68 -1.97 -36.93
C THR B 86 1.20 -3.17 -36.13
N SER B 87 1.24 -3.08 -34.80
CA SER B 87 1.78 -4.17 -33.95
C SER B 87 1.05 -4.06 -32.63
N ILE B 88 0.58 -5.19 -32.12
CA ILE B 88 -0.09 -5.23 -30.84
C ILE B 88 0.67 -6.18 -29.96
N VAL B 89 0.35 -6.17 -28.68
CA VAL B 89 0.94 -7.09 -27.75
C VAL B 89 -0.21 -7.52 -26.88
N ASP B 90 -0.60 -8.80 -27.00
CA ASP B 90 -1.81 -9.35 -26.34
C ASP B 90 -1.48 -10.14 -25.08
N PHE B 91 -2.48 -10.30 -24.22
CA PHE B 91 -2.30 -10.88 -22.90
C PHE B 91 -2.68 -12.37 -22.79
N CYS B 92 -1.63 -13.20 -22.75
CA CYS B 92 -1.80 -14.63 -22.65
C CYS B 92 -2.10 -15.07 -21.22
N LEU B 93 -3.29 -15.64 -21.03
CA LEU B 93 -3.84 -15.92 -19.72
C LEU B 93 -3.50 -17.31 -19.24
N THR B 94 -2.93 -17.38 -18.04
CA THR B 94 -2.53 -18.63 -17.41
C THR B 94 -3.58 -18.96 -16.39
N LYS B 95 -3.59 -20.23 -15.99
CA LYS B 95 -4.74 -20.81 -15.28
C LYS B 95 -3.99 -21.64 -14.20
N LYS B 96 -4.19 -21.29 -12.92
CA LYS B 96 -3.59 -21.99 -11.74
C LYS B 96 -3.52 -23.54 -11.82
N GLY B 97 -2.32 -24.11 -11.69
CA GLY B 97 -2.08 -25.52 -12.01
C GLY B 97 -2.15 -25.64 -13.51
N GLU B 98 -1.03 -25.30 -14.17
CA GLU B 98 -1.03 -24.60 -15.46
C GLU B 98 0.27 -24.83 -16.25
N SER B 99 0.34 -25.83 -17.10
CA SER B 99 1.52 -25.93 -17.93
C SER B 99 1.67 -24.54 -18.59
N LEU B 100 2.70 -23.77 -18.20
CA LEU B 100 2.89 -22.43 -18.79
C LEU B 100 3.02 -22.42 -20.32
N LYS B 101 3.61 -23.49 -20.88
CA LYS B 101 3.73 -23.63 -22.35
C LYS B 101 2.37 -23.92 -23.00
N SER B 102 1.55 -24.72 -22.35
CA SER B 102 0.27 -25.06 -22.92
C SER B 102 -0.64 -23.83 -22.98
N ALA B 103 -0.37 -22.82 -22.15
CA ALA B 103 -1.11 -21.59 -22.25
C ALA B 103 -0.66 -20.82 -23.48
N ILE B 104 0.64 -20.60 -23.56
CA ILE B 104 1.24 -19.86 -24.67
C ILE B 104 0.85 -20.50 -26.00
N ALA B 105 1.06 -21.81 -26.07
CA ALA B 105 0.59 -22.67 -27.16
C ALA B 105 -0.81 -22.32 -27.63
N THR B 106 -1.73 -22.23 -26.67
CA THR B 106 -3.09 -21.80 -26.97
C THR B 106 -3.11 -20.37 -27.59
N TRP B 107 -2.40 -19.39 -27.01
CA TRP B 107 -2.44 -18.02 -27.58
C TRP B 107 -1.82 -17.88 -28.98
N HIS B 108 -0.80 -18.67 -29.30
CA HIS B 108 -0.28 -18.73 -30.69
C HIS B 108 -1.37 -19.21 -31.63
N GLU B 109 -2.00 -20.32 -31.26
CA GLU B 109 -3.05 -20.93 -32.11
C GLU B 109 -4.25 -20.01 -32.26
N LYS B 110 -4.45 -19.09 -31.31
CA LYS B 110 -5.51 -18.06 -31.40
C LYS B 110 -5.23 -17.00 -32.48
N ALA B 111 -3.97 -16.89 -32.89
CA ALA B 111 -3.56 -15.87 -33.82
C ALA B 111 -3.29 -16.45 -35.18
N ARG B 112 -2.45 -17.50 -35.19
CA ARG B 112 -2.03 -18.21 -36.42
C ARG B 112 -3.10 -18.19 -37.45
N GLY B 113 -2.82 -17.58 -38.60
CA GLY B 113 -3.75 -17.60 -39.72
C GLY B 113 -4.86 -16.57 -39.67
N LYS B 114 -5.12 -16.03 -38.49
CA LYS B 114 -6.11 -14.98 -38.41
C LYS B 114 -5.47 -13.58 -38.47
N ALA B 115 -4.42 -13.33 -37.69
CA ALA B 115 -3.75 -12.01 -37.62
C ALA B 115 -3.33 -11.44 -38.96
N VAL B 116 -3.51 -10.16 -39.18
CA VAL B 116 -3.04 -9.50 -40.41
C VAL B 116 -1.80 -8.62 -40.21
N ILE B 117 -1.65 -8.10 -38.98
CA ILE B 117 -0.47 -7.30 -38.57
C ILE B 117 0.27 -8.06 -37.52
N ASP B 118 1.48 -7.62 -37.22
CA ASP B 118 2.34 -8.35 -36.30
C ASP B 118 1.90 -8.23 -34.84
N TYR B 119 2.28 -9.19 -34.03
CA TYR B 119 1.73 -9.27 -32.70
C TYR B 119 2.68 -10.00 -31.79
N GLY B 120 2.69 -9.64 -30.52
CA GLY B 120 3.46 -10.35 -29.51
C GLY B 120 2.58 -10.70 -28.33
N PHE B 121 3.15 -11.37 -27.35
CA PHE B 121 2.41 -11.69 -26.13
C PHE B 121 3.06 -11.20 -24.84
N HIS B 122 2.18 -10.82 -23.91
CA HIS B 122 2.54 -10.74 -22.53
C HIS B 122 2.11 -12.05 -21.93
N LEU B 123 2.75 -12.39 -20.81
CA LEU B 123 2.35 -13.56 -20.06
C LEU B 123 1.78 -13.22 -18.69
N MET B 124 0.52 -13.62 -18.48
CA MET B 124 -0.12 -13.49 -17.18
C MET B 124 0.45 -14.50 -16.19
N ILE B 125 0.46 -14.12 -14.93
CA ILE B 125 0.97 -14.99 -13.92
C ILE B 125 -0.04 -15.06 -12.80
N ALA B 126 -0.44 -16.29 -12.48
CA ALA B 126 -1.53 -16.54 -11.55
C ALA B 126 -1.01 -16.93 -10.19
N GLU B 127 -0.07 -17.86 -10.15
CA GLU B 127 0.63 -18.13 -8.92
C GLU B 127 2.09 -18.25 -9.27
N ALA B 128 2.95 -18.03 -8.28
CA ALA B 128 4.38 -18.04 -8.49
C ALA B 128 5.01 -19.06 -7.56
N ASN B 129 4.49 -20.28 -7.63
CA ASN B 129 5.12 -21.39 -6.95
C ASN B 129 6.20 -21.93 -7.85
N ASP B 130 7.08 -22.70 -7.23
CA ASP B 130 8.36 -23.19 -7.78
C ASP B 130 8.31 -23.71 -9.20
N GLN B 131 7.25 -24.49 -9.49
CA GLN B 131 6.91 -25.01 -10.82
C GLN B 131 6.94 -23.89 -11.86
N VAL B 132 6.18 -22.82 -11.58
CA VAL B 132 6.04 -21.70 -12.48
C VAL B 132 7.35 -20.92 -12.56
N LEU B 133 7.98 -20.68 -11.41
CA LEU B 133 9.23 -19.94 -11.38
C LEU B 133 10.26 -20.57 -12.28
N GLU B 134 10.10 -21.88 -12.49
CA GLU B 134 11.04 -22.66 -13.30
C GLU B 134 10.82 -22.47 -14.77
N GLU B 135 9.58 -22.64 -15.18
CA GLU B 135 9.19 -22.51 -16.58
C GLU B 135 9.63 -21.18 -17.13
N LEU B 136 9.46 -20.13 -16.34
CA LEU B 136 9.80 -18.74 -16.74
C LEU B 136 11.11 -18.62 -17.47
N GLU B 137 12.11 -19.38 -17.01
CA GLU B 137 13.40 -19.44 -17.70
C GLU B 137 13.25 -19.86 -19.17
N SER B 138 12.57 -20.97 -19.40
CA SER B 138 12.36 -21.49 -20.73
C SER B 138 11.67 -20.45 -21.62
N VAL B 139 10.63 -19.81 -21.08
CA VAL B 139 9.82 -18.91 -21.87
C VAL B 139 10.60 -17.64 -22.25
N ILE B 140 11.36 -17.07 -21.35
CA ILE B 140 12.00 -15.81 -21.70
C ILE B 140 13.07 -15.98 -22.76
N SER B 141 13.88 -17.02 -22.63
CA SER B 141 14.83 -17.45 -23.67
C SER B 141 14.18 -18.03 -24.95
N SER B 142 13.33 -19.06 -24.83
CA SER B 142 12.82 -19.78 -26.03
C SER B 142 11.55 -19.17 -26.66
N GLU B 143 10.58 -18.81 -25.84
CA GLU B 143 9.29 -18.38 -26.35
C GLU B 143 9.18 -16.87 -26.68
N GLY B 144 10.29 -16.13 -26.68
CA GLY B 144 10.28 -14.68 -27.04
C GLY B 144 9.45 -13.70 -26.17
N ILE B 145 9.16 -14.09 -24.92
CA ILE B 145 8.31 -13.29 -24.01
C ILE B 145 9.12 -12.69 -22.87
N THR B 146 8.95 -11.39 -22.66
CA THR B 146 9.74 -10.64 -21.68
C THR B 146 8.92 -9.58 -20.97
N SER B 147 7.67 -9.90 -20.64
CA SER B 147 6.85 -9.02 -19.86
C SER B 147 5.71 -9.81 -19.27
N LEU B 148 5.37 -9.50 -18.03
CA LEU B 148 4.59 -10.38 -17.19
C LEU B 148 3.51 -9.61 -16.45
N LYS B 149 2.27 -10.01 -16.59
CA LYS B 149 1.21 -9.31 -15.94
C LYS B 149 0.71 -10.07 -14.72
N VAL B 150 0.53 -9.35 -13.63
CA VAL B 150 -0.09 -9.86 -12.44
C VAL B 150 -1.28 -8.96 -12.14
N PHE B 151 -2.45 -9.53 -11.94
CA PHE B 151 -3.60 -8.71 -11.57
C PHE B 151 -3.72 -8.62 -10.06
N MET B 152 -3.82 -7.42 -9.54
CA MET B 152 -4.02 -7.25 -8.11
C MET B 152 -5.49 -7.21 -7.77
N ALA B 153 -6.34 -7.31 -8.79
CA ALA B 153 -7.79 -7.31 -8.61
C ALA B 153 -8.46 -8.46 -9.37
N TYR B 154 -9.78 -8.38 -9.54
CA TYR B 154 -10.60 -9.47 -10.02
C TYR B 154 -10.45 -10.67 -9.10
N LYS B 155 -10.92 -10.48 -7.88
CA LYS B 155 -10.78 -11.49 -6.82
C LYS B 155 -11.44 -12.77 -7.24
N ASN B 156 -10.79 -13.88 -6.88
CA ASN B 156 -11.23 -15.22 -7.25
C ASN B 156 -11.41 -15.44 -8.74
N VAL B 157 -10.66 -14.72 -9.57
CA VAL B 157 -10.69 -14.92 -11.02
C VAL B 157 -9.27 -14.76 -11.52
N PHE B 158 -8.68 -13.57 -11.45
CA PHE B 158 -7.27 -13.41 -11.91
C PHE B 158 -6.30 -12.96 -10.82
N GLN B 159 -6.78 -12.79 -9.60
CA GLN B 159 -6.05 -12.03 -8.60
C GLN B 159 -4.86 -12.76 -7.92
N ALA B 160 -3.72 -12.07 -7.86
CA ALA B 160 -2.54 -12.61 -7.18
C ALA B 160 -2.42 -11.95 -5.84
N ASP B 161 -1.67 -12.56 -4.93
CA ASP B 161 -1.35 -11.90 -3.66
C ASP B 161 0.06 -11.35 -3.66
N ASP B 162 0.37 -10.56 -2.63
CA ASP B 162 1.65 -9.82 -2.58
C ASP B 162 2.83 -10.79 -2.77
N GLU B 163 2.68 -12.01 -2.25
CA GLU B 163 3.69 -13.05 -2.41
C GLU B 163 4.04 -13.29 -3.84
N THR B 164 3.03 -13.64 -4.61
CA THR B 164 3.20 -13.95 -6.01
C THR B 164 3.82 -12.74 -6.65
N LEU B 165 3.15 -11.59 -6.45
CA LEU B 165 3.62 -10.27 -6.88
C LEU B 165 5.15 -10.11 -6.62
N PHE B 166 5.58 -10.15 -5.37
CA PHE B 166 7.02 -10.03 -5.07
C PHE B 166 7.93 -11.09 -5.74
N LYS B 167 7.62 -12.37 -5.53
CA LYS B 167 8.43 -13.43 -6.14
C LYS B 167 8.66 -13.20 -7.65
N THR B 168 7.60 -12.81 -8.33
CA THR B 168 7.63 -12.57 -9.75
C THR B 168 8.55 -11.40 -10.03
N LEU B 169 8.43 -10.35 -9.21
CA LEU B 169 9.27 -9.15 -9.38
C LEU B 169 10.74 -9.56 -9.31
N VAL B 170 11.09 -10.37 -8.29
CA VAL B 170 12.49 -10.67 -8.07
C VAL B 170 13.00 -11.56 -9.16
N LYS B 171 12.16 -12.47 -9.63
CA LYS B 171 12.53 -13.33 -10.76
C LYS B 171 12.71 -12.47 -12.06
N ALA B 172 11.76 -11.58 -12.27
CA ALA B 172 11.81 -10.68 -13.39
C ALA B 172 13.15 -9.95 -13.41
N LYS B 173 13.56 -9.48 -12.24
CA LYS B 173 14.87 -8.85 -12.06
C LYS B 173 15.91 -9.75 -12.57
N GLU B 174 15.83 -11.00 -12.14
CA GLU B 174 16.86 -11.97 -12.42
C GLU B 174 16.93 -12.34 -13.89
N LEU B 175 15.77 -12.52 -14.50
CA LEU B 175 15.68 -12.86 -15.93
C LEU B 175 15.80 -11.71 -16.94
N GLY B 176 15.32 -10.52 -16.58
CA GLY B 176 15.25 -9.37 -17.52
C GLY B 176 13.85 -9.19 -18.10
N ALA B 177 12.85 -9.13 -17.24
CA ALA B 177 11.46 -9.08 -17.67
C ALA B 177 10.73 -7.89 -17.02
N LEU B 178 9.76 -7.34 -17.73
CA LEU B 178 9.09 -6.16 -17.25
C LEU B 178 7.90 -6.73 -16.57
N VAL B 179 7.68 -6.41 -15.32
CA VAL B 179 6.46 -6.81 -14.70
C VAL B 179 5.43 -5.71 -14.89
N GLN B 180 4.21 -6.15 -15.11
CA GLN B 180 3.14 -5.24 -15.31
C GLN B 180 2.10 -5.61 -14.33
N VAL B 181 1.40 -4.60 -13.83
CA VAL B 181 0.33 -4.85 -12.88
C VAL B 181 -0.93 -4.08 -13.26
N HIS B 182 -2.06 -4.72 -13.01
CA HIS B 182 -3.33 -4.05 -12.88
C HIS B 182 -3.54 -3.66 -11.41
N ALA B 183 -3.38 -2.39 -11.10
CA ALA B 183 -3.26 -1.96 -9.72
C ALA B 183 -4.57 -1.47 -9.17
N GLU B 184 -5.43 -2.39 -8.75
CA GLU B 184 -6.57 -2.04 -7.89
C GLU B 184 -6.64 -3.07 -6.78
N ASN B 185 -7.06 -2.66 -5.60
CA ASN B 185 -7.09 -3.59 -4.50
C ASN B 185 -8.33 -4.44 -4.56
N GLY B 186 -8.20 -5.61 -5.19
CA GLY B 186 -9.25 -6.62 -5.22
C GLY B 186 -10.05 -6.67 -3.94
N ASP B 187 -9.40 -6.90 -2.82
CA ASP B 187 -10.14 -7.13 -1.58
C ASP B 187 -11.15 -6.03 -1.28
N VAL B 188 -10.76 -4.76 -1.40
CA VAL B 188 -11.69 -3.69 -0.99
C VAL B 188 -12.80 -3.53 -1.99
N LEU B 189 -12.53 -3.87 -3.25
CA LEU B 189 -13.54 -3.77 -4.32
C LEU B 189 -14.59 -4.85 -4.15
N ASP B 190 -14.15 -6.04 -3.76
CA ASP B 190 -15.08 -7.10 -3.55
C ASP B 190 -16.10 -6.63 -2.51
N TYR B 191 -15.63 -6.13 -1.37
CA TYR B 191 -16.55 -5.80 -0.29
C TYR B 191 -17.60 -4.77 -0.73
N LEU B 192 -17.09 -3.63 -1.19
CA LEU B 192 -17.90 -2.55 -1.74
C LEU B 192 -18.87 -3.06 -2.79
N THR B 193 -18.38 -4.01 -3.59
CA THR B 193 -19.19 -4.64 -4.64
C THR B 193 -20.32 -5.47 -4.05
N LYS B 194 -20.02 -6.32 -3.09
CA LYS B 194 -21.06 -7.17 -2.50
C LYS B 194 -21.99 -6.37 -1.58
N LYS B 195 -21.51 -5.22 -1.09
CA LYS B 195 -22.32 -4.30 -0.26
C LYS B 195 -23.31 -3.54 -1.11
N ALA B 196 -22.84 -3.04 -2.25
CA ALA B 196 -23.70 -2.28 -3.15
C ALA B 196 -24.88 -3.10 -3.65
N LEU B 197 -24.68 -4.42 -3.74
CA LEU B 197 -25.76 -5.36 -4.02
C LEU B 197 -26.66 -5.54 -2.79
N ALA B 198 -26.07 -5.87 -1.64
CA ALA B 198 -26.82 -5.90 -0.39
C ALA B 198 -27.89 -4.83 -0.37
N GLU B 199 -27.53 -3.61 -0.78
CA GLU B 199 -28.42 -2.47 -0.68
C GLU B 199 -29.37 -2.32 -1.87
N GLY B 200 -29.15 -3.11 -2.91
CA GLY B 200 -29.97 -3.09 -4.12
C GLY B 200 -29.61 -1.99 -5.12
N ASN B 201 -28.35 -1.57 -5.15
CA ASN B 201 -27.87 -0.61 -6.16
C ASN B 201 -27.16 -1.38 -7.26
N THR B 202 -27.89 -1.70 -8.32
CA THR B 202 -27.40 -2.69 -9.31
C THR B 202 -27.16 -2.11 -10.70
N ASP B 203 -27.53 -0.85 -10.88
CA ASP B 203 -27.25 -0.14 -12.13
C ASP B 203 -25.76 -0.17 -12.45
N PRO B 204 -25.43 0.05 -13.73
CA PRO B 204 -24.03 0.00 -14.12
C PRO B 204 -23.24 1.17 -13.55
N ILE B 205 -23.93 2.25 -13.18
CA ILE B 205 -23.23 3.36 -12.58
C ILE B 205 -22.45 2.91 -11.34
N TYR B 206 -23.01 2.00 -10.54
CA TYR B 206 -22.35 1.60 -9.31
C TYR B 206 -21.11 0.75 -9.52
N HIS B 207 -20.82 0.37 -10.77
CA HIS B 207 -19.50 -0.22 -11.15
C HIS B 207 -18.42 0.79 -10.86
N ALA B 208 -18.70 2.08 -11.06
CA ALA B 208 -17.74 3.15 -10.87
C ALA B 208 -17.51 3.53 -9.39
N TYR B 209 -18.61 3.59 -8.61
CA TYR B 209 -18.53 3.98 -7.22
C TYR B 209 -18.14 2.82 -6.33
N THR B 210 -18.00 1.62 -6.88
CA THR B 210 -17.55 0.48 -6.09
C THR B 210 -16.04 0.23 -6.21
N ARG B 211 -15.34 1.17 -6.86
CA ARG B 211 -13.91 1.05 -7.01
C ARG B 211 -13.29 2.42 -7.14
N PRO B 212 -13.44 3.21 -6.08
CA PRO B 212 -12.96 4.58 -6.02
C PRO B 212 -11.47 4.70 -6.26
N PRO B 213 -11.08 5.83 -6.82
CA PRO B 213 -9.68 6.10 -7.05
C PRO B 213 -8.75 5.69 -5.91
N GLU B 214 -9.07 6.00 -4.65
N GLU B 214 -9.16 6.02 -4.69
CA GLU B 214 -8.16 5.67 -3.54
CA GLU B 214 -8.39 5.71 -3.51
C GLU B 214 -7.67 4.24 -3.61
C GLU B 214 -7.76 4.32 -3.59
N ALA B 215 -8.45 3.38 -4.25
CA ALA B 215 -8.06 1.95 -4.36
C ALA B 215 -7.06 1.63 -5.48
N GLU B 216 -6.95 2.50 -6.47
CA GLU B 216 -5.95 2.38 -7.54
C GLU B 216 -4.68 2.99 -7.05
N GLY B 217 -4.87 4.12 -6.37
CA GLY B 217 -3.76 4.80 -5.75
C GLY B 217 -3.03 3.85 -4.85
N GLU B 218 -3.78 3.06 -4.12
CA GLU B 218 -3.20 2.18 -3.15
C GLU B 218 -2.40 1.05 -3.79
N ALA B 219 -3.00 0.34 -4.72
CA ALA B 219 -2.32 -0.82 -5.34
C ALA B 219 -1.14 -0.38 -6.14
N THR B 220 -1.25 0.80 -6.74
CA THR B 220 -0.13 1.38 -7.47
C THR B 220 1.04 1.64 -6.53
N GLY B 221 0.79 2.27 -5.40
CA GLY B 221 1.79 2.57 -4.43
C GLY B 221 2.44 1.29 -3.99
N ARG B 222 1.59 0.30 -3.75
CA ARG B 222 1.99 -1.00 -3.24
C ARG B 222 2.91 -1.68 -4.21
N ALA B 223 2.49 -1.75 -5.46
CA ALA B 223 3.25 -2.48 -6.47
C ALA B 223 4.59 -1.81 -6.71
N ILE B 224 4.60 -0.48 -6.57
CA ILE B 224 5.85 0.27 -6.61
C ILE B 224 6.81 -0.05 -5.46
N ALA B 225 6.25 -0.25 -4.27
CA ALA B 225 7.07 -0.45 -3.12
C ALA B 225 7.83 -1.76 -3.25
N LEU B 226 7.15 -2.83 -3.68
CA LEU B 226 7.83 -4.13 -3.90
C LEU B 226 8.93 -4.05 -4.95
N THR B 227 8.58 -3.48 -6.10
CA THR B 227 9.56 -3.17 -7.13
C THR B 227 10.81 -2.52 -6.50
N ALA B 228 10.64 -1.52 -5.66
CA ALA B 228 11.74 -0.93 -4.94
C ALA B 228 12.49 -2.02 -4.16
N LEU B 229 11.75 -2.77 -3.36
CA LEU B 229 12.36 -3.76 -2.50
C LEU B 229 13.04 -4.85 -3.28
N ALA B 230 12.43 -5.23 -4.40
CA ALA B 230 12.96 -6.26 -5.28
C ALA B 230 14.12 -5.82 -6.15
N GLY B 231 14.33 -4.52 -6.33
CA GLY B 231 15.31 -4.07 -7.33
C GLY B 231 14.90 -4.35 -8.77
N SER B 232 13.61 -4.59 -9.00
CA SER B 232 13.10 -4.99 -10.31
C SER B 232 12.57 -3.74 -11.05
N GLN B 233 11.71 -3.94 -12.05
CA GLN B 233 11.18 -2.79 -12.84
C GLN B 233 9.71 -2.97 -13.14
N LEU B 234 8.93 -1.88 -13.10
CA LEU B 234 7.42 -2.01 -13.12
C LEU B 234 6.80 -1.24 -14.27
N TYR B 235 5.60 -1.59 -14.67
CA TYR B 235 4.90 -0.86 -15.70
C TYR B 235 3.45 -0.95 -15.29
N VAL B 236 2.89 0.14 -14.82
CA VAL B 236 1.54 0.11 -14.34
C VAL B 236 0.75 0.34 -15.58
N VAL B 237 -0.21 -0.54 -15.82
CA VAL B 237 -1.10 -0.35 -16.96
C VAL B 237 -2.29 0.51 -16.62
N HIS B 238 -2.79 1.17 -17.66
CA HIS B 238 -4.01 1.98 -17.56
C HIS B 238 -4.32 2.97 -16.46
N VAL B 239 -3.32 3.77 -16.11
CA VAL B 239 -3.42 4.70 -14.99
C VAL B 239 -4.58 5.59 -15.34
N SER B 240 -5.57 5.71 -14.44
CA SER B 240 -6.84 6.38 -14.77
C SER B 240 -7.07 7.67 -13.99
N CYS B 241 -6.27 7.91 -12.93
CA CYS B 241 -6.58 8.91 -11.91
C CYS B 241 -5.33 9.53 -11.33
N ALA B 242 -5.53 10.64 -10.62
CA ALA B 242 -4.41 11.42 -10.08
C ALA B 242 -3.71 10.65 -8.95
N SER B 243 -4.48 10.07 -8.04
CA SER B 243 -3.93 9.21 -6.99
C SER B 243 -2.75 8.32 -7.47
N ALA B 244 -2.86 7.74 -8.67
CA ALA B 244 -1.84 6.86 -9.13
C ALA B 244 -0.72 7.62 -9.82
N VAL B 245 -1.04 8.57 -10.68
CA VAL B 245 0.07 9.25 -11.33
C VAL B 245 0.94 9.77 -10.22
N GLN B 246 0.35 10.35 -9.20
CA GLN B 246 1.10 10.85 -8.06
C GLN B 246 2.15 9.86 -7.53
N ARG B 247 1.71 8.64 -7.26
CA ARG B 247 2.57 7.60 -6.74
C ARG B 247 3.69 7.24 -7.74
N ILE B 248 3.34 7.18 -9.03
CA ILE B 248 4.32 6.94 -10.09
C ILE B 248 5.31 8.10 -10.13
N ALA B 249 4.81 9.33 -10.14
CA ALA B 249 5.71 10.47 -10.16
C ALA B 249 6.73 10.35 -9.06
N GLU B 250 6.21 10.02 -7.88
CA GLU B 250 7.01 10.08 -6.67
C GLU B 250 8.19 9.15 -6.75
N ALA B 251 7.98 7.97 -7.30
CA ALA B 251 9.00 6.95 -7.38
C ALA B 251 10.02 7.25 -8.45
N ARG B 252 9.54 7.83 -9.57
CA ARG B 252 10.43 8.15 -10.66
C ARG B 252 11.39 9.29 -10.26
N GLU B 253 11.04 10.01 -9.19
CA GLU B 253 11.84 11.12 -8.72
C GLU B 253 13.00 10.55 -7.92
N LYS B 254 12.73 9.46 -7.23
CA LYS B 254 13.74 8.70 -6.52
C LYS B 254 14.54 7.80 -7.43
N GLY B 255 14.25 7.83 -8.71
CA GLY B 255 15.13 7.19 -9.67
C GLY B 255 14.88 5.71 -9.97
N TRP B 256 13.84 5.10 -9.36
CA TRP B 256 13.49 3.71 -9.67
C TRP B 256 12.90 3.59 -11.07
N ASN B 257 12.97 2.38 -11.64
CA ASN B 257 12.42 2.11 -12.99
C ASN B 257 11.00 1.61 -12.92
N VAL B 258 10.10 2.58 -12.92
CA VAL B 258 8.67 2.37 -12.85
C VAL B 258 8.09 3.01 -14.08
N TYR B 259 7.14 2.39 -14.72
CA TYR B 259 6.64 3.02 -15.89
C TYR B 259 5.17 3.10 -15.85
N GLY B 260 4.61 3.85 -16.78
CA GLY B 260 3.19 4.18 -16.77
C GLY B 260 2.54 4.20 -18.14
N GLU B 261 1.28 3.78 -18.15
CA GLU B 261 0.49 3.72 -19.35
C GLU B 261 -0.92 4.25 -19.08
N THR B 262 -1.50 5.00 -20.04
CA THR B 262 -2.98 5.28 -20.06
C THR B 262 -3.60 4.74 -21.33
N CYS B 263 -4.90 4.93 -21.44
CA CYS B 263 -5.63 4.69 -22.64
C CYS B 263 -6.43 5.94 -23.00
N PRO B 264 -7.01 5.95 -24.19
CA PRO B 264 -7.69 7.17 -24.59
C PRO B 264 -8.92 7.49 -23.72
N GLN B 265 -9.68 6.46 -23.38
CA GLN B 265 -10.95 6.67 -22.69
C GLN B 265 -10.81 7.35 -21.35
N TYR B 266 -9.61 7.37 -20.81
CA TYR B 266 -9.37 8.08 -19.58
C TYR B 266 -8.85 9.47 -19.88
N LEU B 267 -8.49 9.70 -21.13
CA LEU B 267 -8.05 11.00 -21.58
C LEU B 267 -9.22 11.81 -22.12
N ALA B 268 -10.31 11.12 -22.49
CA ALA B 268 -11.37 11.74 -23.28
C ALA B 268 -12.81 11.43 -22.84
N LEU B 269 -13.01 10.64 -21.78
CA LEU B 269 -14.35 10.33 -21.27
C LEU B 269 -14.42 10.50 -19.76
N ASP B 270 -15.58 10.87 -19.21
CA ASP B 270 -15.69 10.96 -17.75
C ASP B 270 -16.91 10.23 -17.17
N VAL B 271 -17.00 10.16 -15.85
CA VAL B 271 -18.00 9.32 -15.25
C VAL B 271 -19.41 9.76 -15.58
N SER B 272 -19.61 11.04 -15.88
CA SER B 272 -20.97 11.54 -16.02
C SER B 272 -21.66 10.72 -17.07
N ILE B 273 -20.93 10.38 -18.11
CA ILE B 273 -21.46 9.62 -19.21
C ILE B 273 -22.13 8.28 -18.77
N MET B 274 -21.73 7.74 -17.63
CA MET B 274 -22.35 6.52 -17.15
C MET B 274 -23.78 6.75 -16.68
N ASP B 275 -24.00 7.83 -15.95
CA ASP B 275 -25.33 8.14 -15.48
C ASP B 275 -26.17 8.51 -16.70
N GLN B 276 -26.75 7.50 -17.30
CA GLN B 276 -27.59 7.64 -18.46
C GLN B 276 -28.63 6.63 -18.18
N PRO B 277 -29.74 6.70 -18.86
CA PRO B 277 -30.95 6.07 -18.35
C PRO B 277 -31.14 4.61 -18.64
N ASP B 278 -31.08 4.19 -19.87
CA ASP B 278 -31.54 2.86 -20.20
C ASP B 278 -30.50 1.79 -20.29
N PHE B 279 -29.60 1.73 -19.33
CA PHE B 279 -28.56 0.74 -19.41
C PHE B 279 -27.48 1.19 -20.36
N GLU B 280 -27.65 2.37 -20.91
CA GLU B 280 -26.60 3.04 -21.68
C GLU B 280 -25.22 3.02 -21.02
N GLY B 281 -25.19 3.10 -19.69
CA GLY B 281 -23.92 3.12 -18.95
C GLY B 281 -23.06 1.87 -19.12
N ALA B 282 -23.69 0.73 -19.34
CA ALA B 282 -22.95 -0.53 -19.51
C ALA B 282 -21.96 -0.49 -20.67
N LYS B 283 -22.16 0.49 -21.56
CA LYS B 283 -21.20 0.75 -22.60
C LYS B 283 -19.87 1.23 -22.04
N TYR B 284 -19.84 1.57 -20.76
CA TYR B 284 -18.65 2.15 -20.18
C TYR B 284 -18.08 1.31 -19.07
N VAL B 285 -18.58 0.11 -18.94
CA VAL B 285 -18.16 -0.70 -17.85
C VAL B 285 -16.90 -1.43 -18.22
N TRP B 286 -15.83 -1.06 -17.53
CA TRP B 286 -14.51 -1.54 -17.77
C TRP B 286 -13.69 -1.13 -16.55
N SER B 287 -12.50 -1.70 -16.38
CA SER B 287 -11.74 -1.50 -15.12
C SER B 287 -10.24 -1.15 -15.29
N PRO B 288 -9.80 0.01 -14.77
CA PRO B 288 -10.47 0.90 -13.84
C PRO B 288 -11.60 1.63 -14.53
N PRO B 289 -12.58 2.12 -13.74
CA PRO B 289 -13.76 2.79 -14.24
C PRO B 289 -13.44 4.19 -14.71
N LEU B 290 -14.37 4.83 -15.42
CA LEU B 290 -14.16 6.26 -15.79
C LEU B 290 -14.20 7.11 -14.53
N ARG B 291 -13.63 8.29 -14.63
CA ARG B 291 -13.31 9.10 -13.46
C ARG B 291 -13.80 10.51 -13.69
N GLU B 292 -13.75 11.33 -12.64
CA GLU B 292 -14.12 12.73 -12.76
C GLU B 292 -13.20 13.46 -13.75
N LYS B 293 -13.76 14.37 -14.53
CA LYS B 293 -13.05 15.08 -15.60
C LYS B 293 -11.77 15.88 -15.14
N TRP B 294 -11.72 16.25 -13.87
CA TRP B 294 -10.54 16.84 -13.24
C TRP B 294 -9.30 16.01 -13.59
N ASN B 295 -9.43 14.68 -13.57
CA ASN B 295 -8.31 13.76 -13.77
C ASN B 295 -7.69 13.81 -15.14
N GLN B 296 -8.50 14.00 -16.18
CA GLN B 296 -8.01 13.99 -17.56
C GLN B 296 -6.81 14.93 -17.67
N GLU B 297 -6.95 16.16 -17.21
CA GLU B 297 -5.84 17.13 -17.20
C GLU B 297 -4.51 16.69 -16.58
N VAL B 298 -4.61 15.97 -15.47
CA VAL B 298 -3.44 15.43 -14.78
C VAL B 298 -2.76 14.34 -15.62
N LEU B 299 -3.53 13.35 -16.06
CA LEU B 299 -3.07 12.34 -17.01
C LEU B 299 -2.36 12.97 -18.21
N TRP B 300 -2.91 14.03 -18.77
CA TRP B 300 -2.32 14.65 -19.94
C TRP B 300 -1.01 15.35 -19.54
N SER B 301 -1.03 16.08 -18.43
CA SER B 301 0.21 16.68 -17.92
C SER B 301 1.35 15.66 -17.74
N ALA B 302 0.95 14.46 -17.31
CA ALA B 302 1.88 13.37 -17.08
C ALA B 302 2.53 12.96 -18.39
N LEU B 303 1.69 12.64 -19.38
CA LEU B 303 2.21 12.31 -20.70
C LEU B 303 3.18 13.41 -21.17
N LYS B 304 2.79 14.66 -21.02
CA LYS B 304 3.57 15.78 -21.60
C LYS B 304 4.96 15.94 -20.96
N ASN B 305 5.02 15.90 -19.63
CA ASN B 305 6.28 16.01 -18.91
C ASN B 305 6.86 14.63 -18.58
N GLY B 306 6.49 13.62 -19.35
CA GLY B 306 7.25 12.39 -19.38
C GLY B 306 7.11 11.53 -18.15
N ILE B 307 6.04 11.74 -17.39
CA ILE B 307 5.78 10.93 -16.21
C ILE B 307 5.07 9.59 -16.52
N LEU B 308 4.00 9.64 -17.32
CA LEU B 308 3.56 8.46 -18.07
C LEU B 308 4.23 8.51 -19.42
N GLN B 309 4.41 7.36 -20.05
CA GLN B 309 5.18 7.37 -21.30
C GLN B 309 4.62 6.54 -22.48
N THR B 310 3.61 5.68 -22.22
CA THR B 310 2.90 4.94 -23.27
C THR B 310 1.40 5.03 -23.15
N VAL B 311 0.74 4.71 -24.27
CA VAL B 311 -0.72 4.67 -24.38
C VAL B 311 -1.13 3.42 -25.11
N GLY B 312 -2.11 2.70 -24.55
CA GLY B 312 -2.66 1.51 -25.16
C GLY B 312 -4.18 1.54 -25.16
N SER B 313 -4.82 0.51 -25.69
CA SER B 313 -6.27 0.52 -25.81
C SER B 313 -6.92 -0.16 -24.63
N ASP B 314 -6.36 -1.27 -24.16
CA ASP B 314 -7.09 -2.25 -23.32
C ASP B 314 -8.41 -2.58 -24.03
N HIS B 315 -8.29 -2.72 -25.34
CA HIS B 315 -9.35 -3.20 -26.17
C HIS B 315 -9.75 -4.57 -25.69
N CYS B 316 -11.03 -4.71 -25.36
CA CYS B 316 -11.57 -5.94 -24.81
C CYS B 316 -13.08 -5.82 -24.93
N PRO B 317 -13.61 -6.10 -26.12
CA PRO B 317 -14.94 -5.58 -26.31
C PRO B 317 -16.03 -6.65 -26.34
N PHE B 318 -17.25 -6.17 -26.05
CA PHE B 318 -18.42 -7.00 -25.94
C PHE B 318 -19.60 -6.20 -26.48
N ASN B 319 -20.51 -6.87 -27.19
CA ASN B 319 -21.71 -6.18 -27.76
C ASN B 319 -22.69 -5.73 -26.69
N PHE B 320 -23.20 -4.50 -26.85
CA PHE B 320 -24.23 -3.95 -25.96
C PHE B 320 -25.46 -4.89 -25.84
N ARG B 321 -25.88 -5.46 -26.95
CA ARG B 321 -26.94 -6.47 -26.98
C ARG B 321 -26.36 -7.86 -26.68
N GLY B 322 -27.07 -8.65 -25.88
CA GLY B 322 -26.69 -10.03 -25.58
C GLY B 322 -25.55 -10.16 -24.61
N GLN B 323 -24.41 -9.58 -24.97
CA GLN B 323 -23.21 -9.60 -24.10
C GLN B 323 -23.18 -8.61 -22.94
N LYS B 324 -23.26 -7.30 -23.21
CA LYS B 324 -23.27 -6.36 -22.09
C LYS B 324 -24.56 -6.56 -21.33
N GLU B 325 -25.63 -6.90 -22.05
CA GLU B 325 -26.94 -7.28 -21.45
C GLU B 325 -26.86 -8.40 -20.38
N LEU B 326 -25.88 -9.29 -20.47
CA LEU B 326 -25.66 -10.34 -19.44
C LEU B 326 -25.92 -9.97 -17.96
N GLY B 327 -25.76 -8.70 -17.61
CA GLY B 327 -26.12 -8.21 -16.27
C GLY B 327 -26.98 -6.96 -16.27
N ARG B 328 -28.24 -7.07 -16.73
CA ARG B 328 -29.24 -6.01 -16.49
C ARG B 328 -29.52 -6.04 -14.99
N GLY B 329 -29.59 -7.24 -14.43
CA GLY B 329 -29.94 -7.39 -13.02
C GLY B 329 -28.89 -6.88 -12.04
N ASP B 330 -27.63 -6.86 -12.47
CA ASP B 330 -26.53 -6.46 -11.60
C ASP B 330 -25.23 -6.27 -12.39
N PHE B 331 -24.42 -5.31 -11.96
CA PHE B 331 -23.19 -4.96 -12.68
C PHE B 331 -22.02 -5.89 -12.41
N THR B 332 -22.11 -6.78 -11.41
CA THR B 332 -21.07 -7.81 -11.23
C THR B 332 -20.83 -8.56 -12.51
N LYS B 333 -21.90 -8.77 -13.28
CA LYS B 333 -21.94 -9.71 -14.40
C LYS B 333 -21.66 -9.05 -15.74
N ILE B 334 -21.72 -7.72 -15.80
CA ILE B 334 -21.36 -7.05 -17.04
C ILE B 334 -19.91 -7.40 -17.33
N PRO B 335 -19.67 -8.01 -18.50
CA PRO B 335 -18.27 -8.31 -18.73
C PRO B 335 -17.55 -6.98 -18.94
N ASN B 336 -16.53 -6.72 -18.12
CA ASN B 336 -15.81 -5.44 -18.13
C ASN B 336 -14.99 -5.23 -19.33
N GLY B 337 -15.33 -4.28 -20.19
CA GLY B 337 -14.42 -3.92 -21.30
C GLY B 337 -14.97 -3.10 -22.46
N GLY B 338 -14.07 -2.40 -23.15
CA GLY B 338 -14.45 -1.47 -24.20
C GLY B 338 -13.79 -1.75 -25.55
N PRO B 339 -14.33 -1.19 -26.64
CA PRO B 339 -13.77 -1.27 -27.99
C PRO B 339 -12.99 0.00 -28.27
N LEU B 340 -11.67 -0.12 -28.20
CA LEU B 340 -10.77 1.04 -28.04
C LEU B 340 -9.57 1.04 -28.94
N ILE B 341 -9.42 0.00 -29.72
CA ILE B 341 -8.22 -0.24 -30.46
C ILE B 341 -8.07 0.62 -31.67
N GLU B 342 -9.19 1.02 -32.25
CA GLU B 342 -9.19 1.63 -33.59
C GLU B 342 -8.95 3.13 -33.51
N ASP B 343 -9.66 3.77 -32.60
CA ASP B 343 -9.66 5.25 -32.51
C ASP B 343 -8.47 5.82 -31.76
N ARG B 344 -7.82 4.94 -31.00
CA ARG B 344 -6.70 5.27 -30.08
C ARG B 344 -5.74 6.22 -30.68
N LEU B 345 -5.25 5.85 -31.85
CA LEU B 345 -4.23 6.66 -32.47
C LEU B 345 -4.73 8.08 -32.74
N THR B 346 -5.93 8.18 -33.26
CA THR B 346 -6.38 9.46 -33.80
C THR B 346 -7.00 10.32 -32.72
N ILE B 347 -7.40 9.74 -31.60
CA ILE B 347 -7.84 10.62 -30.53
C ILE B 347 -6.59 11.22 -29.87
N LEU B 348 -5.54 10.44 -29.76
CA LEU B 348 -4.25 10.99 -29.34
C LEU B 348 -3.84 12.14 -30.23
N TYR B 349 -4.05 11.99 -31.52
CA TYR B 349 -3.69 13.06 -32.44
C TYR B 349 -4.54 14.33 -32.25
N SER B 350 -5.84 14.13 -32.28
CA SER B 350 -6.82 15.21 -32.36
C SER B 350 -7.07 15.93 -31.03
N GLU B 351 -7.12 15.18 -29.95
CA GLU B 351 -7.39 15.78 -28.67
C GLU B 351 -6.11 16.30 -28.06
N GLY B 352 -4.98 15.68 -28.41
CA GLY B 352 -3.67 16.03 -27.83
C GLY B 352 -2.88 17.00 -28.66
N VAL B 353 -2.38 16.55 -29.81
CA VAL B 353 -1.52 17.42 -30.66
C VAL B 353 -2.29 18.63 -31.13
N ARG B 354 -3.42 18.35 -31.76
CA ARG B 354 -4.22 19.38 -32.40
C ARG B 354 -4.66 20.51 -31.48
N GLN B 355 -4.87 20.20 -30.22
CA GLN B 355 -5.23 21.22 -29.25
C GLN B 355 -4.12 21.52 -28.26
N GLY B 356 -2.88 21.39 -28.69
CA GLY B 356 -1.74 21.96 -27.96
C GLY B 356 -1.34 21.35 -26.63
N ARG B 357 -1.74 20.11 -26.37
CA ARG B 357 -1.38 19.43 -25.11
C ARG B 357 -0.03 18.65 -25.24
N ILE B 358 0.22 18.10 -26.42
CA ILE B 358 1.51 17.51 -26.68
C ILE B 358 2.06 17.96 -28.04
N SER B 359 3.35 17.75 -28.23
CA SER B 359 3.98 18.03 -29.49
C SER B 359 3.69 16.89 -30.42
N LEU B 360 3.95 17.11 -31.69
CA LEU B 360 3.71 16.14 -32.73
C LEU B 360 4.73 15.00 -32.58
N ASN B 361 5.99 15.35 -32.34
CA ASN B 361 6.98 14.37 -31.94
C ASN B 361 6.58 13.52 -30.74
N GLN B 362 5.98 14.13 -29.74
CA GLN B 362 5.58 13.35 -28.55
C GLN B 362 4.42 12.40 -28.86
N PHE B 363 3.56 12.81 -29.77
CA PHE B 363 2.45 11.99 -30.20
C PHE B 363 2.94 10.65 -30.77
N VAL B 364 4.07 10.67 -31.45
CA VAL B 364 4.61 9.43 -31.99
C VAL B 364 5.13 8.63 -30.83
N ASP B 365 5.99 9.23 -30.03
CA ASP B 365 6.65 8.56 -28.90
C ASP B 365 5.64 7.83 -27.99
N ILE B 366 4.54 8.51 -27.77
CA ILE B 366 3.49 8.09 -26.84
C ILE B 366 2.64 6.95 -27.38
N SER B 367 2.52 6.85 -28.69
CA SER B 367 1.67 5.87 -29.36
C SER B 367 2.43 4.71 -29.97
N SER B 368 3.72 4.93 -30.23
CA SER B 368 4.54 4.00 -30.96
C SER B 368 5.87 3.72 -30.30
N THR B 369 6.83 4.63 -30.43
CA THR B 369 8.22 4.29 -30.05
C THR B 369 8.39 3.74 -28.63
N LYS B 370 8.02 4.53 -27.62
CA LYS B 370 8.36 4.20 -26.25
C LYS B 370 7.89 2.82 -25.85
N ALA B 371 6.73 2.43 -26.34
CA ALA B 371 6.26 1.05 -26.13
C ALA B 371 7.18 -0.02 -26.68
N ALA B 372 7.81 0.26 -27.82
CA ALA B 372 8.80 -0.64 -28.43
C ALA B 372 10.09 -0.82 -27.57
N LYS B 373 10.55 0.29 -27.01
CA LYS B 373 11.77 0.30 -26.24
C LYS B 373 11.56 -0.37 -24.89
N LEU B 374 10.37 -0.22 -24.30
CA LEU B 374 10.04 -0.93 -23.06
C LEU B 374 9.70 -2.42 -23.29
N PHE B 375 9.13 -2.78 -24.43
CA PHE B 375 8.77 -4.18 -24.64
C PHE B 375 9.75 -4.96 -25.51
N GLY B 376 10.92 -4.39 -25.81
CA GLY B 376 11.96 -5.11 -26.53
C GLY B 376 11.62 -5.44 -27.97
N MET B 377 11.10 -4.46 -28.70
CA MET B 377 10.80 -4.61 -30.13
C MET B 377 11.58 -3.59 -30.96
N PHE B 378 12.47 -2.86 -30.31
CA PHE B 378 13.14 -1.72 -30.92
C PHE B 378 14.56 -2.09 -31.35
N PRO B 379 14.96 -1.74 -32.59
CA PRO B 379 14.36 -0.83 -33.53
C PRO B 379 13.55 -1.48 -34.69
N ARG B 380 13.34 -2.79 -34.62
CA ARG B 380 12.44 -3.46 -35.55
C ARG B 380 11.09 -2.75 -35.68
N LYS B 381 10.60 -2.18 -34.57
CA LYS B 381 9.27 -1.54 -34.58
C LYS B 381 9.31 -0.19 -33.84
N GLY B 382 8.50 0.75 -34.27
CA GLY B 382 8.35 2.00 -33.55
C GLY B 382 9.20 3.17 -33.96
N THR B 383 9.80 3.12 -35.15
CA THR B 383 10.50 4.24 -35.69
C THR B 383 10.58 4.11 -37.21
N ILE B 384 10.73 5.23 -37.96
CA ILE B 384 11.15 5.19 -39.39
C ILE B 384 12.68 5.46 -39.59
N ALA B 385 13.46 4.38 -39.56
CA ALA B 385 14.89 4.47 -39.80
C ALA B 385 15.40 3.33 -40.69
N VAL B 386 16.61 3.47 -41.21
CA VAL B 386 17.21 2.44 -42.03
C VAL B 386 17.44 1.17 -41.22
N GLY B 387 16.81 0.07 -41.61
CA GLY B 387 16.86 -1.16 -40.86
C GLY B 387 15.50 -1.58 -40.29
N SER B 388 14.69 -0.58 -40.02
CA SER B 388 13.45 -0.85 -39.32
C SER B 388 12.40 -1.49 -40.27
N ASP B 389 11.55 -2.36 -39.73
CA ASP B 389 10.43 -2.87 -40.49
C ASP B 389 9.66 -1.68 -41.09
N ALA B 390 9.07 -1.87 -42.26
CA ALA B 390 8.39 -0.80 -42.92
C ALA B 390 6.96 -0.89 -42.46
N ASP B 391 6.76 -0.55 -41.18
CA ASP B 391 5.43 -0.37 -40.61
C ASP B 391 5.18 1.12 -40.62
N ILE B 392 4.91 1.64 -41.80
CA ILE B 392 4.63 3.03 -41.99
C ILE B 392 3.12 3.23 -42.06
N VAL B 393 2.72 4.49 -41.91
CA VAL B 393 1.36 4.90 -41.84
C VAL B 393 1.32 6.27 -42.43
N ILE B 394 0.65 6.39 -43.58
CA ILE B 394 0.38 7.71 -44.15
C ILE B 394 -0.86 8.28 -43.50
N PHE B 395 -0.82 9.55 -43.13
CA PHE B 395 -1.82 10.12 -42.21
C PHE B 395 -2.17 11.54 -42.60
N ASP B 396 -3.45 11.78 -42.79
CA ASP B 396 -3.97 13.05 -43.29
C ASP B 396 -4.51 13.79 -42.08
N PRO B 397 -3.80 14.86 -41.65
CA PRO B 397 -4.19 15.62 -40.47
C PRO B 397 -5.31 16.63 -40.67
N HIS B 398 -5.75 16.80 -41.92
CA HIS B 398 -6.64 17.90 -42.28
C HIS B 398 -8.09 17.48 -42.31
N VAL B 399 -8.34 16.19 -42.55
CA VAL B 399 -9.71 15.64 -42.52
C VAL B 399 -10.40 16.07 -41.23
N LYS B 400 -11.67 16.42 -41.30
CA LYS B 400 -12.51 16.46 -40.12
C LYS B 400 -13.52 15.33 -40.25
N ARG B 401 -13.65 14.49 -39.24
CA ARG B 401 -14.60 13.40 -39.33
C ARG B 401 -15.16 13.08 -37.95
N THR B 402 -16.28 12.38 -37.96
CA THR B 402 -17.03 12.14 -36.77
C THR B 402 -16.92 10.64 -36.53
N LEU B 403 -16.57 10.25 -35.30
CA LEU B 403 -16.34 8.83 -35.01
C LEU B 403 -17.66 8.18 -34.77
N SER B 404 -17.89 7.02 -35.36
CA SER B 404 -19.17 6.37 -35.19
C SER B 404 -19.12 4.87 -35.39
N VAL B 405 -20.10 4.18 -34.83
CA VAL B 405 -20.21 2.76 -35.10
C VAL B 405 -20.58 2.56 -36.56
N GLU B 406 -21.36 3.48 -37.13
CA GLU B 406 -21.86 3.28 -38.51
C GLU B 406 -20.67 3.11 -39.42
N THR B 407 -19.56 3.79 -39.09
CA THR B 407 -18.34 3.79 -39.92
C THR B 407 -17.09 3.06 -39.36
N HIS B 408 -17.05 2.66 -38.07
CA HIS B 408 -15.83 1.95 -37.54
C HIS B 408 -15.73 0.53 -38.07
N HIS B 409 -14.56 -0.11 -37.84
CA HIS B 409 -14.28 -1.46 -38.39
C HIS B 409 -14.16 -2.60 -37.34
N MET B 410 -14.23 -2.28 -36.05
CA MET B 410 -14.24 -3.30 -35.00
C MET B 410 -15.55 -4.09 -35.11
N ASN B 411 -15.56 -5.36 -34.70
CA ASN B 411 -16.73 -6.23 -34.93
C ASN B 411 -17.73 -6.17 -33.76
N VAL B 412 -18.17 -4.95 -33.44
CA VAL B 412 -18.97 -4.66 -32.23
C VAL B 412 -20.05 -3.65 -32.56
N ASP B 413 -21.18 -3.72 -31.84
CA ASP B 413 -22.32 -2.89 -32.15
C ASP B 413 -22.30 -1.45 -31.63
N TYR B 414 -21.26 -1.02 -30.95
CA TYR B 414 -21.22 0.37 -30.52
C TYR B 414 -19.83 0.99 -30.50
N ASN B 415 -19.81 2.32 -30.32
CA ASN B 415 -18.55 3.05 -30.19
C ASN B 415 -18.62 4.03 -29.03
N PRO B 416 -17.76 3.86 -28.02
CA PRO B 416 -17.78 4.71 -26.85
C PRO B 416 -17.55 6.21 -27.08
N PHE B 417 -16.84 6.58 -28.17
CA PHE B 417 -16.66 8.00 -28.59
C PHE B 417 -17.65 8.44 -29.68
N GLU B 418 -18.66 7.59 -29.91
CA GLU B 418 -19.77 7.85 -30.82
C GLU B 418 -20.22 9.29 -30.79
N GLY B 419 -20.09 9.93 -31.95
CA GLY B 419 -20.55 11.28 -32.13
C GLY B 419 -19.44 12.28 -31.92
N MET B 420 -18.27 11.85 -31.48
CA MET B 420 -17.19 12.80 -31.25
C MET B 420 -16.55 13.33 -32.57
N GLU B 421 -16.43 14.65 -32.67
CA GLU B 421 -15.83 15.27 -33.84
C GLU B 421 -14.33 15.31 -33.61
N VAL B 422 -13.60 14.88 -34.63
CA VAL B 422 -12.17 14.61 -34.55
C VAL B 422 -11.43 14.99 -35.86
N TYR B 423 -10.23 15.56 -35.72
CA TYR B 423 -9.30 15.75 -36.86
C TYR B 423 -8.40 14.53 -37.10
N GLY B 424 -8.03 14.33 -38.37
CA GLY B 424 -7.09 13.29 -38.73
C GLY B 424 -7.72 11.99 -39.16
N GLU B 425 -7.14 11.36 -40.18
CA GLU B 425 -7.66 10.12 -40.76
C GLU B 425 -6.50 9.24 -41.27
N VAL B 426 -6.67 7.94 -41.18
CA VAL B 426 -5.62 7.01 -41.65
C VAL B 426 -5.85 6.75 -43.14
N VAL B 427 -4.90 7.11 -44.00
CA VAL B 427 -5.04 6.86 -45.44
C VAL B 427 -4.59 5.46 -45.82
N SER B 428 -3.34 5.13 -45.52
CA SER B 428 -2.77 3.81 -45.83
C SER B 428 -1.74 3.34 -44.80
N VAL B 429 -1.71 2.03 -44.61
CA VAL B 429 -0.90 1.42 -43.63
C VAL B 429 -0.11 0.35 -44.29
N LEU B 430 1.21 0.41 -44.16
CA LEU B 430 2.09 -0.69 -44.56
C LEU B 430 2.52 -1.48 -43.34
N SER B 431 2.59 -2.82 -43.49
CA SER B 431 3.13 -3.73 -42.48
C SER B 431 4.27 -4.55 -43.06
N ARG B 432 5.50 -4.27 -42.63
CA ARG B 432 6.70 -4.85 -43.26
C ARG B 432 6.67 -4.61 -44.77
N GLY B 433 6.18 -3.43 -45.15
CA GLY B 433 6.21 -2.96 -46.53
C GLY B 433 5.25 -3.63 -47.48
N SER B 434 4.21 -4.27 -46.96
CA SER B 434 3.03 -4.68 -47.75
C SER B 434 1.85 -3.87 -47.28
N PHE B 435 0.97 -3.52 -48.21
CA PHE B 435 -0.23 -2.83 -47.84
C PHE B 435 -1.14 -3.74 -47.02
N VAL B 436 -1.66 -3.19 -45.93
CA VAL B 436 -2.74 -3.81 -45.19
C VAL B 436 -3.99 -2.97 -45.46
N VAL B 437 -3.79 -1.67 -45.54
CA VAL B 437 -4.88 -0.80 -45.90
C VAL B 437 -4.38 0.18 -46.93
N ARG B 438 -5.08 0.26 -48.06
CA ARG B 438 -4.77 1.27 -49.08
C ARG B 438 -5.88 2.14 -49.64
N ASP B 439 -5.69 3.45 -49.53
CA ASP B 439 -6.75 4.46 -49.66
C ASP B 439 -8.02 4.09 -48.91
N LYS B 440 -7.86 3.61 -47.68
CA LYS B 440 -8.97 3.25 -46.82
C LYS B 440 -9.74 2.00 -47.27
N GLN B 441 -8.99 0.96 -47.66
CA GLN B 441 -9.57 -0.29 -48.15
C GLN B 441 -8.81 -1.46 -47.61
N PHE B 442 -9.52 -2.48 -47.13
CA PHE B 442 -8.81 -3.64 -46.63
C PHE B 442 -8.27 -4.53 -47.76
N VAL B 443 -7.01 -4.30 -48.11
CA VAL B 443 -6.29 -5.14 -49.11
C VAL B 443 -5.37 -6.19 -48.46
N GLY B 444 -5.57 -6.43 -47.17
CA GLY B 444 -4.69 -7.35 -46.45
C GLY B 444 -5.16 -8.78 -46.61
N GLN B 445 -4.42 -9.70 -46.01
CA GLN B 445 -4.81 -11.10 -45.96
C GLN B 445 -4.69 -11.60 -44.53
N ALA B 446 -5.67 -12.38 -44.09
CA ALA B 446 -5.56 -13.04 -42.81
C ALA B 446 -4.34 -13.91 -42.87
N GLY B 447 -3.62 -14.07 -41.76
CA GLY B 447 -2.46 -14.99 -41.64
C GLY B 447 -1.11 -14.37 -41.91
N SER B 448 -1.11 -13.19 -42.55
CA SER B 448 0.10 -12.41 -42.84
C SER B 448 0.77 -11.83 -41.61
N GLY B 449 0.12 -11.83 -40.45
CA GLY B 449 0.78 -11.37 -39.23
C GLY B 449 1.86 -12.29 -38.67
N GLN B 450 2.98 -11.72 -38.29
CA GLN B 450 4.04 -12.49 -37.69
C GLN B 450 4.17 -12.19 -36.22
N TYR B 451 4.39 -13.27 -35.47
CA TYR B 451 4.76 -13.17 -34.08
C TYR B 451 6.05 -12.36 -33.98
N ILE B 452 6.16 -11.54 -32.92
N ILE B 452 6.23 -11.58 -32.92
CA ILE B 452 7.38 -10.80 -32.63
CA ILE B 452 7.46 -10.81 -32.80
C ILE B 452 8.02 -11.33 -31.34
C ILE B 452 8.13 -11.07 -31.43
N LYS B 453 9.24 -11.84 -31.48
CA LYS B 453 9.98 -12.33 -30.32
C LYS B 453 10.68 -11.10 -29.81
N ARG B 454 10.47 -10.83 -28.55
CA ARG B 454 10.93 -9.61 -27.98
C ARG B 454 12.22 -9.91 -27.21
N THR B 455 13.06 -8.89 -27.04
CA THR B 455 14.25 -8.97 -26.22
C THR B 455 13.93 -8.66 -24.75
N THR B 456 14.91 -8.93 -23.91
CA THR B 456 14.83 -8.63 -22.47
C THR B 456 15.00 -7.12 -22.17
N PHE B 457 14.62 -6.72 -20.94
CA PHE B 457 14.43 -5.33 -20.58
C PHE B 457 15.70 -4.48 -20.62
N GLU B 458 15.51 -3.20 -20.94
CA GLU B 458 16.58 -2.24 -21.06
C GLU B 458 15.99 -0.82 -21.14
N GLN B 459 16.58 0.13 -20.42
CA GLN B 459 15.97 1.45 -20.22
C GLN B 459 15.25 2.65 -20.91
N ALA B 460 15.82 3.20 -21.97
CA ALA B 460 14.99 4.16 -22.66
C ALA B 460 15.84 5.35 -23.01
MN MN C . 3.62 -5.06 17.13
MN MN D . 3.25 -5.50 19.81
MN MN E . -6.72 -4.37 -16.58
MN MN F . -6.30 -5.43 -19.41
#